data_1MC1
#
_entry.id   1MC1
#
_cell.length_a   61.038
_cell.length_b   96.570
_cell.length_c   80.912
_cell.angle_alpha   90.00
_cell.angle_beta   90.54
_cell.angle_gamma   90.00
#
_symmetry.space_group_name_H-M   'P 1 21 1'
#
loop_
_entity.id
_entity.type
_entity.pdbx_description
1 polymer 'BETA-LACTAM SYNTHETASE'
2 non-polymer 'MAGNESIUM ION'
3 non-polymer 'PYROPHOSPHATE 2-'
4 non-polymer 'ADENOSINE MONOPHOSPHATE'
5 non-polymer 'DEOXYGUANIDINOPROCLAVAMINIC ACID'
6 water water
#
_entity_poly.entity_id   1
_entity_poly.type   'polypeptide(L)'
_entity_poly.pdbx_seq_one_letter_code
;MGAPVLPAAFGFLASARTGGGRAPGPVFATRGSHTDIDTPQGERSLAATLVHAPSVAPDRAVARSLTGAPTTAVLAGEIY
NRDELLSVLPAGPAPEGDAELVLRLLERYDLHAFRLVNGRFATVVRTGDRVLLATDHAGSVPLYTCVAPGEVRASTEAKA
LAAHRDPKGFPLADARRVAGLTGVYQVPAGAVMDIDLGSGTAVTHRTWTPGLSRRILPEGEAVAAVRAALEKAVAQRVTP
GDTPLVVLSGGIDSSGVAACAHRAAGELDTVSMGTDTSNEFREARAVVDHLRTRHREITIPTTELLAQLPYAVWASESVD
PDIIEYLLPLTALYRALDGPERRILTGYGADIPLGGMHREDRLPALDTVLAHDMATFDGLNEMSPVLSTLAGHWTTHPYW
DREVLDLLVSLEAGLKRRHGRDKWVLRAAMADALPAETVNRPKLGVHEGSGTTSSFSRLLLDHGVAEDRVHEAKRQVVRE
LFDLTVGGGRHPSEVDTDDVVRSVADRTARGAA
;
_entity_poly.pdbx_strand_id   A,B
#
loop_
_chem_comp.id
_chem_comp.type
_chem_comp.name
_chem_comp.formula
AMP non-polymer 'ADENOSINE MONOPHOSPHATE' 'C10 H14 N5 O7 P'
MG non-polymer 'MAGNESIUM ION' 'Mg 2'
PCX non-polymer 'DEOXYGUANIDINOPROCLAVAMINIC ACID' 'C9 H16 N4 O3'
POP non-polymer 'PYROPHOSPHATE 2-' 'H2 O7 P2 -2'
#
# COMPACT_ATOMS: atom_id res chain seq x y z
N VAL A 5 19.59 27.28 5.45
CA VAL A 5 20.26 26.33 4.51
C VAL A 5 20.29 24.90 5.05
N LEU A 6 20.53 24.77 6.35
CA LEU A 6 20.61 23.46 7.00
C LEU A 6 19.49 23.33 8.01
N PRO A 7 19.03 22.09 8.24
CA PRO A 7 17.95 21.85 9.21
C PRO A 7 18.37 22.32 10.60
N ALA A 8 17.38 22.58 11.46
CA ALA A 8 17.64 23.03 12.82
C ALA A 8 18.43 22.03 13.66
N ALA A 9 18.31 20.75 13.33
CA ALA A 9 19.06 19.71 14.03
C ALA A 9 19.25 18.47 13.14
N PHE A 10 20.38 17.79 13.32
CA PHE A 10 20.71 16.59 12.56
C PHE A 10 20.24 15.34 13.28
N GLY A 11 20.26 15.38 14.62
CA GLY A 11 19.84 14.23 15.39
C GLY A 11 19.65 14.60 16.85
N PHE A 12 19.55 13.59 17.70
CA PHE A 12 19.35 13.87 19.10
C PHE A 12 19.38 12.61 19.96
N LEU A 13 19.46 12.83 21.26
CA LEU A 13 19.42 11.76 22.25
C LEU A 13 18.44 12.31 23.26
N ALA A 14 17.34 11.59 23.48
CA ALA A 14 16.32 12.04 24.43
C ALA A 14 15.89 10.95 25.40
N SER A 15 15.32 11.36 26.52
CA SER A 15 14.83 10.41 27.50
C SER A 15 13.62 11.00 28.19
N ALA A 16 12.65 10.15 28.50
CA ALA A 16 11.45 10.61 29.19
C ALA A 16 11.33 9.78 30.45
N ARG A 17 11.21 10.47 31.58
CA ARG A 17 11.05 9.83 32.87
C ARG A 17 10.54 10.83 33.91
N GLY A 25 26.28 12.21 28.85
CA GLY A 25 27.36 12.54 27.87
C GLY A 25 27.20 11.87 26.52
N PRO A 26 26.27 12.34 25.68
CA PRO A 26 25.98 11.80 24.33
C PRO A 26 27.18 11.91 23.39
N VAL A 27 27.44 10.83 22.64
CA VAL A 27 28.54 10.82 21.67
C VAL A 27 28.00 10.31 20.33
N PHE A 28 28.06 11.17 19.32
CA PHE A 28 27.53 10.82 18.00
C PHE A 28 28.60 10.79 16.93
N ALA A 29 28.25 10.15 15.81
CA ALA A 29 29.12 10.07 14.64
C ALA A 29 28.92 11.40 13.93
N THR A 30 27.73 11.95 14.13
CA THR A 30 27.38 13.22 13.54
C THR A 30 28.27 14.31 14.11
N ARG A 31 28.74 15.20 13.25
CA ARG A 31 29.61 16.30 13.68
C ARG A 31 28.76 17.55 13.80
N GLY A 32 29.02 18.32 14.86
CA GLY A 32 28.26 19.55 15.06
C GLY A 32 28.18 19.96 16.51
N SER A 33 27.40 21.01 16.78
CA SER A 33 27.24 21.51 18.13
C SER A 33 26.25 20.63 18.89
N HIS A 34 26.29 20.71 20.22
CA HIS A 34 25.37 19.97 21.07
C HIS A 34 24.66 21.03 21.90
N THR A 35 23.35 20.88 22.04
CA THR A 35 22.57 21.80 22.83
C THR A 35 21.55 21.00 23.61
N ASP A 36 21.56 21.16 24.93
CA ASP A 36 20.60 20.47 25.79
C ASP A 36 19.41 21.40 25.90
N ILE A 37 18.21 20.86 25.70
CA ILE A 37 17.01 21.68 25.81
C ILE A 37 16.67 21.88 27.26
N ASP A 38 15.98 22.98 27.55
CA ASP A 38 15.57 23.32 28.90
C ASP A 38 14.55 22.27 29.38
N THR A 39 14.51 22.04 30.68
CA THR A 39 13.55 21.08 31.24
C THR A 39 12.58 21.79 32.17
N PRO A 40 11.63 22.57 31.58
CA PRO A 40 10.62 23.34 32.32
C PRO A 40 10.08 22.51 33.49
N GLN A 41 9.18 21.58 33.18
CA GLN A 41 8.65 20.72 34.22
C GLN A 41 9.74 19.69 34.52
N GLY A 42 10.90 20.14 34.92
CA GLY A 42 12.15 19.53 35.21
C GLY A 42 12.28 18.09 35.18
N GLU A 43 11.02 17.54 35.30
CA GLU A 43 11.00 16.30 35.95
C GLU A 43 10.34 15.22 35.10
N ARG A 44 9.03 15.53 34.95
CA ARG A 44 8.10 14.75 34.11
C ARG A 44 8.17 15.38 32.70
N SER A 45 9.37 15.93 32.49
CA SER A 45 9.60 16.62 31.22
C SER A 45 10.43 15.78 30.26
N LEU A 46 10.62 16.30 29.06
CA LEU A 46 11.40 15.59 28.07
C LEU A 46 12.82 16.17 28.01
N ALA A 47 13.79 15.39 28.44
CA ALA A 47 15.18 15.83 28.41
C ALA A 47 15.75 15.43 27.06
N ALA A 48 16.63 16.25 26.51
CA ALA A 48 17.20 15.91 25.21
C ALA A 48 18.45 16.69 24.88
N THR A 49 19.31 16.06 24.11
CA THR A 49 20.54 16.70 23.66
C THR A 49 20.44 16.72 22.13
N LEU A 50 20.46 17.92 21.54
CA LEU A 50 20.39 18.02 20.09
C LEU A 50 21.76 18.18 19.45
N VAL A 51 22.01 17.49 18.33
CA VAL A 51 23.28 17.66 17.65
C VAL A 51 22.92 18.38 16.35
N HIS A 52 23.57 19.51 16.10
CA HIS A 52 23.24 20.32 14.94
C HIS A 52 24.44 21.12 14.44
N ALA A 53 24.26 21.82 13.32
CA ALA A 53 25.33 22.62 12.74
C ALA A 53 25.64 23.82 13.63
N PRO A 54 26.92 24.19 13.73
CA PRO A 54 27.32 25.35 14.55
C PRO A 54 26.68 26.64 14.03
N SER A 55 26.34 26.64 12.75
CA SER A 55 25.75 27.80 12.10
C SER A 55 24.23 27.89 12.19
N VAL A 56 23.59 26.91 12.83
CA VAL A 56 22.14 26.95 12.92
C VAL A 56 21.65 27.04 14.37
N ALA A 57 20.44 27.57 14.54
CA ALA A 57 19.85 27.70 15.87
C ALA A 57 18.94 26.50 16.09
N PRO A 58 19.15 25.76 17.18
CA PRO A 58 18.36 24.57 17.50
C PRO A 58 16.86 24.84 17.71
N ASP A 59 16.54 26.07 18.10
CA ASP A 59 15.16 26.49 18.39
C ASP A 59 14.06 25.89 17.57
N ARG A 60 14.19 26.04 16.26
CA ARG A 60 13.22 25.54 15.32
C ARG A 60 13.06 24.03 15.37
N ALA A 61 14.00 23.34 15.99
CA ALA A 61 13.93 21.89 16.10
C ALA A 61 13.19 21.48 17.36
N VAL A 62 12.87 22.47 18.20
CA VAL A 62 12.17 22.20 19.46
C VAL A 62 10.91 23.05 19.55
N ALA A 63 9.82 22.43 20.01
CA ALA A 63 8.56 23.15 20.17
C ALA A 63 7.89 22.63 21.44
N ARG A 64 7.23 23.54 22.15
CA ARG A 64 6.56 23.19 23.38
C ARG A 64 5.10 23.61 23.25
N SER A 65 4.26 23.05 24.12
CA SER A 65 2.85 23.39 24.10
C SER A 65 2.18 22.88 25.36
N LEU A 66 0.94 23.31 25.56
CA LEU A 66 0.16 22.89 26.71
C LEU A 66 -1.12 22.23 26.23
N THR A 67 -1.27 22.12 24.91
CA THR A 67 -2.46 21.51 24.34
C THR A 67 -2.55 20.02 24.66
N GLY A 68 -3.56 19.65 25.45
CA GLY A 68 -3.74 18.30 25.88
C GLY A 68 -3.08 18.13 27.26
N ALA A 69 -1.88 18.67 27.31
CA ALA A 69 -0.93 18.42 28.45
C ALA A 69 0.32 19.30 28.26
N PRO A 70 1.22 19.15 29.35
CA PRO A 70 2.55 19.74 28.90
C PRO A 70 3.24 18.88 27.87
N THR A 71 3.55 19.52 26.72
CA THR A 71 4.12 18.81 25.58
C THR A 71 5.40 19.41 25.04
N THR A 72 6.35 18.54 24.73
CA THR A 72 7.63 18.96 24.20
C THR A 72 7.95 18.13 22.95
N ALA A 73 8.23 18.80 21.82
CA ALA A 73 8.58 18.09 20.60
C ALA A 73 10.02 18.36 20.18
N VAL A 74 10.71 17.34 19.70
CA VAL A 74 12.08 17.50 19.22
C VAL A 74 12.10 16.84 17.84
N LEU A 75 12.57 17.56 16.82
CA LEU A 75 12.61 16.99 15.47
C LEU A 75 13.95 17.17 14.76
N ALA A 76 14.49 16.08 14.24
CA ALA A 76 15.75 16.12 13.50
C ALA A 76 15.41 16.06 12.02
N GLY A 77 16.01 16.94 11.23
CA GLY A 77 15.71 16.91 9.82
C GLY A 77 14.78 18.01 9.38
N GLU A 78 14.02 17.74 8.31
CA GLU A 78 13.13 18.75 7.76
C GLU A 78 11.92 18.15 7.03
N ILE A 79 10.92 19.00 6.77
CA ILE A 79 9.70 18.60 6.08
C ILE A 79 9.62 19.33 4.74
N TYR A 80 9.21 18.62 3.69
CA TYR A 80 9.14 19.21 2.35
C TYR A 80 7.77 19.71 1.93
N ASN A 81 6.70 19.04 2.34
CA ASN A 81 5.36 19.49 1.94
C ASN A 81 4.75 20.43 2.99
N ARG A 82 5.50 21.49 3.29
CA ARG A 82 5.07 22.47 4.28
C ARG A 82 3.81 23.23 3.89
N ASP A 83 3.77 23.76 2.67
CA ASP A 83 2.62 24.51 2.21
C ASP A 83 1.35 23.70 2.38
N GLU A 84 1.44 22.43 2.01
CA GLU A 84 0.30 21.53 2.14
C GLU A 84 -0.16 21.38 3.59
N LEU A 85 0.75 20.96 4.46
CA LEU A 85 0.41 20.76 5.86
C LEU A 85 -0.20 22.03 6.49
N LEU A 86 0.34 23.17 6.09
CA LEU A 86 -0.12 24.46 6.60
C LEU A 86 -1.56 24.76 6.14
N SER A 87 -1.93 24.24 4.97
CA SER A 87 -3.27 24.47 4.43
C SER A 87 -4.39 23.75 5.18
N VAL A 88 -4.04 22.73 5.94
CA VAL A 88 -5.05 21.99 6.68
C VAL A 88 -5.16 22.44 8.13
N LEU A 89 -4.36 23.44 8.51
CA LEU A 89 -4.42 23.95 9.86
C LEU A 89 -5.47 25.05 9.99
N PRO A 90 -6.10 25.16 11.16
CA PRO A 90 -7.14 26.14 11.48
C PRO A 90 -6.70 27.60 11.44
N ALA A 91 -6.20 28.10 12.56
CA ALA A 91 -5.76 29.49 12.69
C ALA A 91 -4.75 29.89 11.63
N GLY A 92 -4.47 31.20 11.56
CA GLY A 92 -3.52 31.72 10.59
C GLY A 92 -2.07 31.81 11.04
N PRO A 93 -1.80 32.28 12.26
CA PRO A 93 -0.41 32.37 12.72
C PRO A 93 0.35 31.06 12.55
N ALA A 94 1.14 30.98 11.47
CA ALA A 94 1.91 29.79 11.12
C ALA A 94 2.95 29.42 12.16
N PRO A 95 3.21 28.11 12.32
CA PRO A 95 4.21 27.67 13.29
C PRO A 95 5.56 28.20 12.83
N GLU A 96 6.49 28.37 13.77
CA GLU A 96 7.79 28.91 13.41
C GLU A 96 8.76 27.89 12.82
N GLY A 97 8.53 26.61 13.06
CA GLY A 97 9.44 25.61 12.51
C GLY A 97 8.77 24.28 12.30
N ASP A 98 9.55 23.30 11.84
CA ASP A 98 9.01 21.97 11.57
C ASP A 98 8.54 21.24 12.83
N ALA A 99 9.15 21.54 13.97
CA ALA A 99 8.77 20.91 15.23
C ALA A 99 7.43 21.47 15.69
N GLU A 100 7.25 22.77 15.51
CA GLU A 100 5.99 23.39 15.92
C GLU A 100 4.92 23.00 14.91
N LEU A 101 5.32 22.82 13.66
CA LEU A 101 4.39 22.40 12.62
C LEU A 101 3.86 21.01 12.98
N VAL A 102 4.76 20.11 13.38
CA VAL A 102 4.33 18.77 13.76
C VAL A 102 3.36 18.89 14.92
N LEU A 103 3.75 19.68 15.93
CA LEU A 103 2.89 19.87 17.09
C LEU A 103 1.49 20.31 16.69
N ARG A 104 1.39 21.31 15.82
CA ARG A 104 0.08 21.79 15.37
C ARG A 104 -0.70 20.66 14.71
N LEU A 105 0.00 19.86 13.91
CA LEU A 105 -0.64 18.76 13.22
C LEU A 105 -1.13 17.67 14.18
N LEU A 106 -0.36 17.44 15.24
CA LEU A 106 -0.69 16.43 16.25
C LEU A 106 -1.93 16.82 17.03
N GLU A 107 -2.09 18.12 17.23
CA GLU A 107 -3.26 18.58 17.96
C GLU A 107 -4.50 18.39 17.11
N ARG A 108 -4.34 18.26 15.80
CA ARG A 108 -5.52 18.06 14.96
C ARG A 108 -5.81 16.61 14.56
N TYR A 109 -4.80 15.89 14.13
CA TYR A 109 -5.00 14.51 13.67
C TYR A 109 -4.54 13.48 14.68
N ASP A 110 -3.90 13.95 15.77
CA ASP A 110 -3.19 12.99 16.67
C ASP A 110 -2.24 12.21 15.80
N LEU A 111 -1.67 11.12 16.22
CA LEU A 111 -0.63 10.35 15.62
C LEU A 111 -0.84 10.17 14.14
N HIS A 112 -2.05 10.38 13.65
CA HIS A 112 -2.32 10.23 12.23
C HIS A 112 -1.66 11.36 11.45
N ALA A 113 -1.23 12.39 12.17
CA ALA A 113 -0.56 13.53 11.57
C ALA A 113 0.60 13.07 10.71
N PHE A 114 1.25 11.99 11.12
CA PHE A 114 2.39 11.48 10.38
C PHE A 114 2.06 10.83 9.05
N ARG A 115 0.78 10.55 8.83
CA ARG A 115 0.37 9.94 7.57
C ARG A 115 0.36 11.01 6.49
N LEU A 116 0.42 12.27 6.91
CA LEU A 116 0.37 13.41 5.98
C LEU A 116 1.72 14.00 5.62
N VAL A 117 2.75 13.66 6.39
CA VAL A 117 4.07 14.23 6.18
C VAL A 117 4.99 13.65 5.12
N ASN A 118 5.53 14.54 4.31
CA ASN A 118 6.47 14.20 3.26
C ASN A 118 7.76 14.88 3.67
N GLY A 119 8.69 14.15 4.28
CA GLY A 119 9.93 14.80 4.70
C GLY A 119 11.10 13.89 4.90
N ARG A 120 12.13 14.43 5.54
CA ARG A 120 13.36 13.70 5.86
C ARG A 120 13.54 14.08 7.32
N PHE A 121 12.92 13.30 8.21
CA PHE A 121 12.97 13.65 9.63
C PHE A 121 12.79 12.46 10.56
N ALA A 122 13.10 12.70 11.83
CA ALA A 122 12.91 11.74 12.91
C ALA A 122 12.48 12.63 14.07
N THR A 123 11.46 12.20 14.82
CA THR A 123 11.02 13.05 15.92
C THR A 123 10.56 12.27 17.13
N VAL A 124 10.67 12.89 18.30
CA VAL A 124 10.21 12.27 19.52
C VAL A 124 9.34 13.29 20.19
N VAL A 125 8.20 12.88 20.71
CA VAL A 125 7.32 13.83 21.36
C VAL A 125 6.81 13.31 22.68
N ARG A 126 6.79 14.18 23.68
CA ARG A 126 6.27 13.78 24.97
C ARG A 126 5.10 14.68 25.30
N THR A 127 3.97 14.07 25.60
CA THR A 127 2.80 14.84 25.99
C THR A 127 2.25 14.08 27.19
N GLY A 128 2.41 14.65 28.37
CA GLY A 128 1.97 13.99 29.58
C GLY A 128 2.88 12.79 29.81
N ASP A 129 2.31 11.62 30.06
CA ASP A 129 3.10 10.40 30.28
C ASP A 129 3.08 9.56 29.01
N ARG A 130 2.70 10.18 27.89
CA ARG A 130 2.64 9.53 26.61
C ARG A 130 3.83 9.97 25.75
N VAL A 131 4.45 9.03 25.04
CA VAL A 131 5.60 9.32 24.21
C VAL A 131 5.39 8.84 22.78
N LEU A 132 5.61 9.71 21.80
CA LEU A 132 5.46 9.32 20.40
C LEU A 132 6.81 9.37 19.68
N LEU A 133 7.10 8.32 18.92
CA LEU A 133 8.35 8.20 18.15
C LEU A 133 7.96 7.98 16.69
N ALA A 134 8.30 8.93 15.82
CA ALA A 134 7.93 8.79 14.40
C ALA A 134 9.11 8.95 13.43
N THR A 135 9.02 8.32 12.27
CA THR A 135 10.05 8.39 11.25
C THR A 135 9.34 8.87 9.99
N ASP A 136 10.09 9.25 8.95
CA ASP A 136 9.43 9.66 7.71
C ASP A 136 9.01 8.38 6.97
N HIS A 137 8.29 8.50 5.87
CA HIS A 137 7.79 7.34 5.12
C HIS A 137 8.82 6.29 4.80
N ALA A 138 10.05 6.70 4.55
CA ALA A 138 11.11 5.77 4.21
C ALA A 138 12.10 5.53 5.35
N GLY A 139 11.91 6.22 6.48
CA GLY A 139 12.84 6.05 7.57
C GLY A 139 14.22 6.48 7.09
N SER A 140 14.26 7.57 6.32
CA SER A 140 15.51 8.10 5.76
C SER A 140 16.42 8.66 6.85
N VAL A 141 15.85 8.91 8.02
CA VAL A 141 16.63 9.40 9.16
C VAL A 141 16.38 8.35 10.25
N PRO A 142 17.32 7.42 10.43
CA PRO A 142 17.18 6.36 11.44
C PRO A 142 16.83 6.91 12.82
N LEU A 143 16.03 6.13 13.55
CA LEU A 143 15.58 6.46 14.89
C LEU A 143 15.59 5.15 15.70
N TYR A 144 16.18 5.17 16.89
CA TYR A 144 16.23 3.97 17.73
C TYR A 144 15.66 4.26 19.12
N THR A 145 15.28 3.21 19.85
CA THR A 145 14.73 3.41 21.18
C THR A 145 14.91 2.26 22.15
N CYS A 146 14.85 2.59 23.43
CA CYS A 146 14.94 1.63 24.53
C CYS A 146 13.74 1.96 25.41
N VAL A 147 12.82 1.01 25.56
CA VAL A 147 11.64 1.25 26.38
C VAL A 147 11.55 0.34 27.59
N ALA A 148 11.27 0.97 28.73
CA ALA A 148 11.13 0.28 29.99
C ALA A 148 10.10 1.02 30.84
N PRO A 149 9.23 0.29 31.56
CA PRO A 149 8.22 0.96 32.39
C PRO A 149 8.84 2.13 33.16
N GLY A 150 8.36 3.34 32.86
CA GLY A 150 8.86 4.52 33.54
C GLY A 150 10.01 5.23 32.84
N GLU A 151 10.54 4.65 31.78
CA GLU A 151 11.65 5.31 31.09
C GLU A 151 11.75 4.99 29.61
N VAL A 152 11.83 6.03 28.81
CA VAL A 152 11.97 5.86 27.37
C VAL A 152 13.16 6.66 26.88
N ARG A 153 14.00 6.02 26.07
CA ARG A 153 15.16 6.66 25.51
C ARG A 153 15.11 6.55 23.99
N ALA A 154 15.27 7.68 23.30
CA ALA A 154 15.26 7.66 21.85
C ALA A 154 16.51 8.37 21.35
N SER A 155 17.03 7.93 20.22
CA SER A 155 18.22 8.53 19.66
C SER A 155 18.29 8.30 18.16
N THR A 156 18.86 9.26 17.44
CA THR A 156 19.00 9.12 16.00
C THR A 156 20.17 8.20 15.68
N GLU A 157 20.89 7.75 16.71
CA GLU A 157 22.01 6.83 16.51
C GLU A 157 22.00 5.75 17.59
N ALA A 158 21.95 4.49 17.16
CA ALA A 158 21.95 3.38 18.10
C ALA A 158 23.20 3.39 18.97
N LYS A 159 24.34 3.79 18.40
CA LYS A 159 25.59 3.81 19.16
C LYS A 159 25.49 4.58 20.45
N ALA A 160 24.63 5.60 20.48
CA ALA A 160 24.44 6.43 21.67
C ALA A 160 23.53 5.75 22.69
N LEU A 161 22.86 4.69 22.24
CA LEU A 161 21.95 3.92 23.08
C LEU A 161 22.59 2.62 23.58
N ALA A 162 23.71 2.23 22.98
CA ALA A 162 24.39 1.00 23.41
C ALA A 162 25.09 1.21 24.76
N ALA A 163 25.52 2.44 25.03
CA ALA A 163 26.19 2.78 26.29
C ALA A 163 25.21 2.90 27.47
N GLY A 169 15.40 -1.69 27.91
CA GLY A 169 15.01 -2.97 28.13
C GLY A 169 14.00 -3.90 27.82
N PHE A 170 12.75 -3.72 27.38
CA PHE A 170 11.76 -4.85 27.22
C PHE A 170 11.73 -5.09 25.69
N PRO A 171 10.97 -6.24 25.36
CA PRO A 171 10.98 -6.34 23.83
C PRO A 171 9.83 -5.62 23.21
N LEU A 172 10.01 -4.99 22.04
CA LEU A 172 8.97 -4.18 21.41
C LEU A 172 8.51 -4.84 20.10
N ALA A 173 7.25 -5.20 20.04
CA ALA A 173 6.68 -5.88 18.87
C ALA A 173 6.50 -4.86 17.75
N ASP A 174 6.69 -5.41 16.56
CA ASP A 174 6.59 -4.63 15.29
C ASP A 174 7.69 -3.58 15.32
N ALA A 175 8.79 -4.02 15.97
CA ALA A 175 10.08 -3.26 15.82
C ALA A 175 11.25 -4.26 15.82
N ARG A 176 12.28 -4.02 15.02
CA ARG A 176 13.44 -4.91 14.95
C ARG A 176 14.58 -4.50 15.90
N ARG A 177 15.22 -5.51 16.49
CA ARG A 177 16.35 -5.29 17.38
C ARG A 177 17.58 -4.94 16.57
N VAL A 178 18.46 -4.15 17.17
CA VAL A 178 19.70 -3.75 16.52
C VAL A 178 20.71 -4.89 16.72
N ALA A 179 21.53 -5.16 15.69
CA ALA A 179 22.52 -6.22 15.75
C ALA A 179 23.47 -6.06 16.93
N GLY A 180 23.77 -7.17 17.59
CA GLY A 180 24.69 -7.14 18.72
C GLY A 180 24.27 -6.26 19.88
N LEU A 181 23.00 -5.88 19.94
CA LEU A 181 22.53 -5.07 21.04
C LEU A 181 21.34 -5.74 21.72
N THR A 182 21.04 -5.30 22.94
CA THR A 182 19.92 -5.85 23.68
C THR A 182 19.07 -4.70 24.22
N GLY A 183 17.75 -4.82 24.06
CA GLY A 183 16.85 -3.78 24.52
C GLY A 183 16.88 -2.55 23.64
N VAL A 184 17.64 -2.61 22.55
CA VAL A 184 17.72 -1.49 21.62
C VAL A 184 17.00 -1.83 20.31
N TYR A 185 15.94 -1.09 20.02
CA TYR A 185 15.17 -1.31 18.81
C TYR A 185 15.21 -0.11 17.86
N GLN A 186 15.05 -0.39 16.57
CA GLN A 186 15.01 0.63 15.54
C GLN A 186 13.54 0.85 15.18
N VAL A 187 13.09 2.10 15.20
CA VAL A 187 11.71 2.40 14.84
C VAL A 187 11.61 2.10 13.36
N PRO A 188 10.61 1.31 12.94
CA PRO A 188 10.53 1.02 11.52
C PRO A 188 10.28 2.25 10.67
N ALA A 189 10.57 2.13 9.38
CA ALA A 189 10.38 3.22 8.44
C ALA A 189 8.88 3.49 8.37
N GLY A 190 8.47 4.71 8.03
CA GLY A 190 7.05 5.02 7.93
C GLY A 190 6.21 4.45 9.04
N ALA A 191 6.48 4.89 10.26
CA ALA A 191 5.75 4.36 11.39
C ALA A 191 5.72 5.33 12.55
N VAL A 192 4.78 5.12 13.47
CA VAL A 192 4.68 5.95 14.65
C VAL A 192 4.42 5.00 15.81
N MET A 193 5.32 5.04 16.78
CA MET A 193 5.23 4.20 17.96
C MET A 193 4.60 5.02 19.10
N ASP A 194 3.49 4.52 19.63
CA ASP A 194 2.75 5.19 20.69
C ASP A 194 3.08 4.46 22.01
N ILE A 195 3.79 5.14 22.90
CA ILE A 195 4.22 4.54 24.16
C ILE A 195 3.64 5.17 25.43
N ASP A 196 3.07 4.34 26.29
CA ASP A 196 2.55 4.79 27.57
C ASP A 196 3.71 4.64 28.53
N LEU A 197 4.19 5.76 29.07
CA LEU A 197 5.34 5.74 29.97
C LEU A 197 5.07 4.98 31.28
N GLY A 198 3.82 5.01 31.74
CA GLY A 198 3.49 4.32 32.98
C GLY A 198 3.64 2.81 32.90
N SER A 199 2.96 2.18 31.94
CA SER A 199 3.02 0.74 31.78
C SER A 199 4.20 0.26 30.93
N GLY A 200 4.74 1.16 30.12
CA GLY A 200 5.86 0.75 29.27
C GLY A 200 5.36 -0.01 28.05
N THR A 201 4.06 0.09 27.79
CA THR A 201 3.49 -0.59 26.63
C THR A 201 3.63 0.28 25.39
N ALA A 202 3.95 -0.38 24.27
CA ALA A 202 4.16 0.32 23.01
C ALA A 202 3.33 -0.25 21.89
N VAL A 203 2.71 0.63 21.11
CA VAL A 203 1.89 0.23 19.97
C VAL A 203 2.41 0.98 18.75
N THR A 204 2.70 0.23 17.68
CA THR A 204 3.23 0.81 16.46
C THR A 204 2.20 0.86 15.34
N HIS A 205 2.10 2.02 14.68
CA HIS A 205 1.16 2.21 13.58
C HIS A 205 1.97 2.53 12.31
N ARG A 206 1.69 1.85 11.19
CA ARG A 206 2.41 2.17 9.98
C ARG A 206 1.66 3.33 9.34
N THR A 207 2.42 4.31 8.85
CA THR A 207 1.84 5.52 8.25
C THR A 207 2.15 5.63 6.78
N TRP A 208 2.70 4.57 6.22
CA TRP A 208 3.03 4.52 4.81
C TRP A 208 3.51 3.11 4.48
N THR A 209 3.16 2.64 3.29
CA THR A 209 3.60 1.34 2.81
C THR A 209 3.70 1.41 1.29
N PRO A 210 4.72 0.76 0.71
CA PRO A 210 4.91 0.76 -0.74
C PRO A 210 3.66 0.29 -1.45
N GLY A 211 3.30 0.96 -2.54
CA GLY A 211 2.13 0.57 -3.30
C GLY A 211 2.42 -0.76 -3.97
N LEU A 212 1.41 -1.62 -4.06
CA LEU A 212 1.58 -2.94 -4.65
C LEU A 212 0.97 -3.01 -6.04
N SER A 213 0.03 -2.12 -6.31
CA SER A 213 -0.64 -2.11 -7.61
C SER A 213 0.15 -1.25 -8.60
N ARG A 214 -0.13 -1.42 -9.88
CA ARG A 214 0.57 -0.66 -10.90
C ARG A 214 -0.37 0.23 -11.71
N ARG A 215 0.18 1.36 -12.14
CA ARG A 215 -0.58 2.35 -12.89
C ARG A 215 -0.23 2.34 -14.36
N ILE A 216 -1.23 2.56 -15.19
CA ILE A 216 -1.06 2.60 -16.64
C ILE A 216 -1.22 4.04 -17.12
N LEU A 217 -0.25 4.53 -17.90
CA LEU A 217 -0.31 5.87 -18.44
C LEU A 217 0.36 5.96 -19.79
N PRO A 218 -0.16 6.81 -20.68
CA PRO A 218 0.45 6.94 -22.00
C PRO A 218 1.84 7.57 -21.82
N GLU A 219 2.75 7.27 -22.73
CA GLU A 219 4.11 7.80 -22.65
C GLU A 219 4.16 9.27 -22.28
N GLY A 220 3.56 10.11 -23.10
CA GLY A 220 3.55 11.54 -22.86
C GLY A 220 3.20 11.94 -21.46
N GLU A 221 2.10 11.43 -20.93
CA GLU A 221 1.68 11.78 -19.57
C GLU A 221 2.62 11.22 -18.51
N ALA A 222 3.09 10.00 -18.72
CA ALA A 222 3.99 9.37 -17.76
C ALA A 222 5.29 10.15 -17.65
N VAL A 223 5.88 10.49 -18.80
CA VAL A 223 7.13 11.23 -18.82
C VAL A 223 6.95 12.61 -18.22
N ALA A 224 5.81 13.25 -18.51
CA ALA A 224 5.56 14.58 -17.96
C ALA A 224 5.36 14.54 -16.45
N ALA A 225 4.61 13.55 -15.95
CA ALA A 225 4.38 13.45 -14.52
C ALA A 225 5.68 13.24 -13.76
N VAL A 226 6.52 12.35 -14.27
CA VAL A 226 7.80 12.09 -13.60
C VAL A 226 8.62 13.37 -13.55
N ARG A 227 8.72 14.07 -14.68
CA ARG A 227 9.47 15.32 -14.75
C ARG A 227 8.95 16.34 -13.74
N ALA A 228 7.63 16.50 -13.71
CA ALA A 228 6.98 17.45 -12.80
C ALA A 228 7.23 17.10 -11.33
N ALA A 229 7.11 15.83 -10.98
CA ALA A 229 7.32 15.38 -9.60
C ALA A 229 8.74 15.64 -9.11
N LEU A 230 9.72 15.22 -9.90
CA LEU A 230 11.13 15.40 -9.57
C LEU A 230 11.46 16.88 -9.42
N GLU A 231 10.94 17.70 -10.32
CA GLU A 231 11.19 19.14 -10.27
C GLU A 231 10.68 19.69 -8.94
N LYS A 232 9.49 19.26 -8.56
CA LYS A 232 8.88 19.71 -7.31
C LYS A 232 9.66 19.19 -6.11
N ALA A 233 10.01 17.91 -6.13
CA ALA A 233 10.76 17.33 -5.01
C ALA A 233 12.10 18.03 -4.81
N VAL A 234 12.78 18.32 -5.92
CA VAL A 234 14.07 18.99 -5.87
C VAL A 234 13.91 20.44 -5.42
N ALA A 235 12.86 21.09 -5.91
CA ALA A 235 12.59 22.48 -5.57
C ALA A 235 12.36 22.58 -4.07
N GLN A 236 11.65 21.61 -3.51
CA GLN A 236 11.40 21.61 -2.08
C GLN A 236 12.67 21.41 -1.28
N ARG A 237 13.71 20.87 -1.92
CA ARG A 237 14.97 20.59 -1.22
C ARG A 237 16.07 21.64 -1.34
N VAL A 238 15.87 22.61 -2.24
CA VAL A 238 16.86 23.65 -2.43
C VAL A 238 16.42 24.88 -1.65
N THR A 239 17.35 25.43 -0.87
CA THR A 239 17.07 26.61 -0.07
C THR A 239 17.10 27.86 -0.94
N PRO A 240 16.16 28.79 -0.72
CA PRO A 240 16.11 30.02 -1.51
C PRO A 240 17.37 30.85 -1.32
N GLY A 241 17.96 31.28 -2.44
CA GLY A 241 19.17 32.09 -2.38
C GLY A 241 20.46 31.29 -2.31
N ASP A 242 20.40 30.09 -1.74
CA ASP A 242 21.59 29.26 -1.63
C ASP A 242 21.76 28.27 -2.78
N THR A 243 22.95 28.26 -3.37
CA THR A 243 23.26 27.34 -4.47
C THR A 243 23.63 25.98 -3.88
N PRO A 244 22.88 24.94 -4.25
CA PRO A 244 23.16 23.60 -3.73
C PRO A 244 24.33 22.87 -4.40
N LEU A 245 24.79 21.82 -3.73
CA LEU A 245 25.86 20.99 -4.25
C LEU A 245 25.26 19.62 -4.57
N VAL A 246 25.51 19.14 -5.78
CA VAL A 246 25.01 17.85 -6.21
C VAL A 246 26.18 16.90 -6.53
N VAL A 247 26.15 15.73 -5.89
CA VAL A 247 27.16 14.71 -6.13
C VAL A 247 26.79 14.09 -7.46
N LEU A 248 27.53 14.51 -8.49
CA LEU A 248 27.30 14.09 -9.87
C LEU A 248 28.16 12.91 -10.29
N SER A 249 27.56 11.96 -11.00
CA SER A 249 28.31 10.81 -11.46
C SER A 249 28.26 10.70 -12.97
N GLY A 250 27.38 11.48 -13.60
CA GLY A 250 27.29 11.38 -15.04
C GLY A 250 26.17 10.43 -15.44
N GLY A 251 25.66 9.67 -14.47
CA GLY A 251 24.56 8.77 -14.75
C GLY A 251 23.29 9.59 -14.85
N ILE A 252 22.22 9.00 -15.39
CA ILE A 252 20.96 9.72 -15.57
C ILE A 252 20.31 10.20 -14.26
N ASP A 253 20.39 9.38 -13.21
CA ASP A 253 19.79 9.74 -11.93
C ASP A 253 20.33 11.07 -11.36
N SER A 254 21.63 11.10 -11.02
CA SER A 254 22.24 12.31 -10.46
C SER A 254 22.20 13.48 -11.44
N SER A 255 22.19 13.15 -12.74
CA SER A 255 22.14 14.15 -13.78
C SER A 255 20.75 14.76 -13.86
N GLY A 256 19.74 13.92 -13.64
CA GLY A 256 18.38 14.39 -13.66
C GLY A 256 18.21 15.38 -12.52
N VAL A 257 18.73 15.02 -11.36
CA VAL A 257 18.66 15.87 -10.17
C VAL A 257 19.39 17.20 -10.37
N ALA A 258 20.55 17.12 -11.01
CA ALA A 258 21.35 18.30 -11.28
C ALA A 258 20.59 19.27 -12.18
N ALA A 259 19.93 18.75 -13.20
CA ALA A 259 19.18 19.61 -14.11
C ALA A 259 18.07 20.32 -13.35
N CYS A 260 17.35 19.56 -12.54
CA CYS A 260 16.27 20.14 -11.77
C CYS A 260 16.77 21.18 -10.75
N ALA A 261 17.86 20.86 -10.05
CA ALA A 261 18.41 21.77 -9.03
C ALA A 261 18.93 23.06 -9.66
N HIS A 262 19.51 22.93 -10.84
CA HIS A 262 20.04 24.06 -11.58
C HIS A 262 18.90 25.00 -11.94
N ARG A 263 17.77 24.44 -12.33
CA ARG A 263 16.63 25.26 -12.70
C ARG A 263 16.04 25.97 -11.50
N ALA A 264 16.01 25.28 -10.36
CA ALA A 264 15.44 25.87 -9.14
C ALA A 264 16.35 26.89 -8.47
N ALA A 265 17.65 26.77 -8.69
CA ALA A 265 18.61 27.69 -8.08
C ALA A 265 19.24 28.66 -9.08
N GLY A 266 19.05 28.40 -10.38
CA GLY A 266 19.62 29.28 -11.37
C GLY A 266 21.12 29.07 -11.54
N GLU A 267 21.70 28.29 -10.63
CA GLU A 267 23.13 27.97 -10.63
C GLU A 267 23.33 26.63 -9.89
N LEU A 268 24.48 26.01 -10.06
CA LEU A 268 24.72 24.73 -9.39
C LEU A 268 26.19 24.32 -9.23
N ASP A 269 26.51 23.81 -8.05
CA ASP A 269 27.86 23.33 -7.74
C ASP A 269 27.78 21.81 -7.82
N THR A 270 28.77 21.19 -8.45
CA THR A 270 28.77 19.74 -8.54
C THR A 270 30.10 19.18 -8.05
N VAL A 271 30.14 17.87 -7.86
CA VAL A 271 31.36 17.21 -7.41
C VAL A 271 31.30 15.74 -7.77
N SER A 272 32.45 15.19 -8.17
CA SER A 272 32.55 13.79 -8.55
C SER A 272 33.75 13.15 -7.87
N MET A 273 33.56 11.91 -7.41
CA MET A 273 34.59 11.17 -6.72
C MET A 273 35.10 10.04 -7.61
N GLY A 274 36.40 9.75 -7.49
CA GLY A 274 37.00 8.68 -8.28
C GLY A 274 38.18 8.10 -7.54
N THR A 275 38.65 6.93 -7.98
CA THR A 275 39.81 6.30 -7.35
C THR A 275 40.92 6.13 -8.39
N ASP A 276 41.99 5.48 -7.99
CA ASP A 276 43.10 5.24 -8.92
C ASP A 276 42.80 3.97 -9.74
N THR A 277 41.62 3.40 -9.45
CA THR A 277 41.23 2.25 -10.23
C THR A 277 40.39 2.77 -11.43
N SER A 278 39.43 3.60 -10.98
CA SER A 278 38.32 4.05 -11.76
C SER A 278 37.67 5.33 -11.39
N ASN A 279 36.86 5.89 -12.27
CA ASN A 279 36.09 7.08 -12.13
C ASN A 279 35.07 7.27 -13.23
N GLU A 280 34.26 8.31 -13.05
CA GLU A 280 33.26 8.64 -14.03
C GLU A 280 33.36 10.12 -14.34
N PHE A 281 34.58 10.67 -14.21
CA PHE A 281 34.80 12.10 -14.48
C PHE A 281 34.37 12.52 -15.88
N ARG A 282 34.68 11.71 -16.88
CA ARG A 282 34.33 12.03 -18.26
C ARG A 282 32.82 12.16 -18.46
N GLU A 283 32.08 11.15 -18.01
CA GLU A 283 30.62 11.16 -18.12
C GLU A 283 30.04 12.38 -17.38
N ALA A 284 30.60 12.69 -16.21
CA ALA A 284 30.14 13.81 -15.40
C ALA A 284 30.46 15.15 -16.07
N ARG A 285 31.63 15.22 -16.70
CA ARG A 285 32.06 16.44 -17.38
C ARG A 285 31.06 16.84 -18.45
N ALA A 286 30.51 15.84 -19.14
CA ALA A 286 29.55 16.12 -20.19
C ALA A 286 28.38 16.92 -19.64
N VAL A 287 27.97 16.61 -18.41
CA VAL A 287 26.86 17.30 -17.78
C VAL A 287 27.26 18.64 -17.19
N VAL A 288 28.44 18.69 -16.56
CA VAL A 288 28.89 19.95 -15.97
C VAL A 288 29.01 21.04 -17.05
N ASP A 289 29.34 20.63 -18.27
CA ASP A 289 29.49 21.55 -19.39
C ASP A 289 28.15 21.92 -20.01
N HIS A 290 27.21 20.99 -20.02
CA HIS A 290 25.90 21.25 -20.58
C HIS A 290 25.14 22.28 -19.71
N LEU A 291 25.29 22.19 -18.39
CA LEU A 291 24.61 23.13 -17.49
C LEU A 291 25.54 24.23 -16.98
N ARG A 292 26.82 24.12 -17.31
CA ARG A 292 27.81 25.10 -16.88
C ARG A 292 27.81 25.22 -15.36
N THR A 293 28.13 24.13 -14.67
CA THR A 293 28.15 24.16 -13.21
C THR A 293 29.56 24.35 -12.66
N ARG A 294 29.66 24.67 -11.38
CA ARG A 294 30.94 24.84 -10.71
C ARG A 294 31.30 23.41 -10.30
N HIS A 295 32.18 22.78 -11.07
CA HIS A 295 32.56 21.39 -10.82
C HIS A 295 33.91 21.17 -10.14
N ARG A 296 34.00 20.07 -9.41
CA ARG A 296 35.23 19.69 -8.72
C ARG A 296 35.38 18.16 -8.78
N GLU A 297 36.59 17.69 -9.09
CA GLU A 297 36.85 16.25 -9.17
C GLU A 297 37.72 15.83 -7.98
N ILE A 298 37.35 14.74 -7.33
CA ILE A 298 38.13 14.25 -6.19
C ILE A 298 38.54 12.80 -6.41
N THR A 299 39.84 12.55 -6.28
CA THR A 299 40.38 11.21 -6.48
C THR A 299 41.03 10.67 -5.22
N ILE A 300 40.44 9.64 -4.63
CA ILE A 300 41.01 9.05 -3.42
C ILE A 300 41.60 7.68 -3.72
N PRO A 301 42.82 7.43 -3.26
CA PRO A 301 43.51 6.16 -3.47
C PRO A 301 42.63 5.00 -3.01
N THR A 302 42.71 3.88 -3.72
CA THR A 302 41.94 2.68 -3.40
C THR A 302 42.20 2.26 -1.96
N THR A 303 43.47 2.34 -1.55
CA THR A 303 43.85 1.97 -0.20
C THR A 303 43.13 2.88 0.79
N GLU A 304 42.97 4.15 0.42
CA GLU A 304 42.30 5.13 1.27
C GLU A 304 40.80 4.86 1.32
N LEU A 305 40.28 4.31 0.23
CA LEU A 305 38.87 3.98 0.12
C LEU A 305 38.54 2.88 1.12
N LEU A 306 39.27 1.77 1.07
CA LEU A 306 39.03 0.65 1.97
C LEU A 306 39.23 1.03 3.44
N ALA A 307 40.09 2.00 3.69
CA ALA A 307 40.34 2.46 5.05
C ALA A 307 39.11 3.15 5.62
N GLN A 308 38.17 3.46 4.73
CA GLN A 308 36.94 4.15 5.11
C GLN A 308 35.92 3.17 5.66
N LEU A 309 36.18 1.87 5.47
CA LEU A 309 35.25 0.84 5.92
C LEU A 309 34.70 1.04 7.34
N PRO A 310 35.58 1.21 8.33
CA PRO A 310 35.08 1.40 9.69
C PRO A 310 34.24 2.66 9.85
N TYR A 311 34.53 3.69 9.06
CA TYR A 311 33.76 4.93 9.13
C TYR A 311 32.35 4.76 8.56
N ALA A 312 32.23 3.97 7.50
CA ALA A 312 30.92 3.75 6.89
C ALA A 312 29.99 2.96 7.84
N VAL A 313 30.48 1.87 8.41
CA VAL A 313 29.63 1.09 9.31
C VAL A 313 29.25 1.90 10.55
N TRP A 314 30.20 2.71 11.01
CA TRP A 314 30.01 3.55 12.18
C TRP A 314 28.93 4.62 11.95
N ALA A 315 28.98 5.25 10.78
CA ALA A 315 28.02 6.30 10.46
C ALA A 315 26.65 5.75 10.06
N SER A 316 26.64 4.75 9.18
CA SER A 316 25.39 4.17 8.71
C SER A 316 24.79 3.24 9.74
N GLU A 317 25.63 2.66 10.58
CA GLU A 317 25.17 1.72 11.59
C GLU A 317 24.46 0.57 10.89
N SER A 318 25.00 0.17 9.74
CA SER A 318 24.46 -0.94 8.95
C SER A 318 25.40 -2.12 9.00
N VAL A 319 24.85 -3.30 8.73
CA VAL A 319 25.63 -4.53 8.76
C VAL A 319 25.54 -5.24 7.41
N ASP A 320 24.88 -4.61 6.44
CA ASP A 320 24.77 -5.20 5.12
C ASP A 320 26.01 -4.91 4.29
N PRO A 321 26.80 -5.95 3.97
CA PRO A 321 28.02 -5.83 3.19
C PRO A 321 27.84 -5.11 1.86
N ASP A 322 26.78 -5.46 1.13
CA ASP A 322 26.50 -4.85 -0.16
C ASP A 322 26.24 -3.34 -0.05
N ILE A 323 25.48 -2.93 0.97
CA ILE A 323 25.16 -1.51 1.18
C ILE A 323 26.40 -0.74 1.60
N ILE A 324 27.16 -1.32 2.53
CA ILE A 324 28.37 -0.69 3.03
C ILE A 324 29.32 -0.45 1.86
N GLU A 325 29.28 -1.35 0.87
CA GLU A 325 30.13 -1.26 -0.30
C GLU A 325 29.69 -0.08 -1.18
N TYR A 326 28.38 0.17 -1.19
CA TYR A 326 27.83 1.28 -1.97
C TYR A 326 28.12 2.61 -1.26
N LEU A 327 28.19 2.55 0.07
CA LEU A 327 28.40 3.75 0.88
C LEU A 327 29.85 4.20 1.03
N LEU A 328 30.80 3.29 0.84
CA LEU A 328 32.23 3.61 0.96
C LEU A 328 32.64 4.82 0.14
N PRO A 329 32.38 4.79 -1.18
CA PRO A 329 32.76 5.95 -2.00
C PRO A 329 32.06 7.25 -1.61
N LEU A 330 30.80 7.16 -1.19
CA LEU A 330 30.04 8.34 -0.79
C LEU A 330 30.59 8.92 0.50
N THR A 331 30.88 8.04 1.45
CA THR A 331 31.43 8.45 2.72
C THR A 331 32.77 9.14 2.50
N ALA A 332 33.64 8.51 1.72
CA ALA A 332 34.94 9.09 1.44
C ALA A 332 34.79 10.49 0.84
N LEU A 333 33.87 10.61 -0.12
CA LEU A 333 33.61 11.88 -0.77
C LEU A 333 33.17 12.96 0.23
N TYR A 334 32.19 12.66 1.08
CA TYR A 334 31.72 13.68 2.03
C TYR A 334 32.85 14.15 2.94
N ARG A 335 33.65 13.22 3.43
CA ARG A 335 34.76 13.55 4.31
C ARG A 335 35.87 14.31 3.61
N ALA A 336 35.97 14.11 2.30
CA ALA A 336 37.02 14.76 1.52
C ALA A 336 36.60 16.13 0.98
N LEU A 337 35.36 16.52 1.27
CA LEU A 337 34.87 17.81 0.81
C LEU A 337 35.56 18.97 1.54
N ASP A 338 35.90 20.02 0.80
CA ASP A 338 36.52 21.19 1.40
C ASP A 338 35.56 22.35 1.35
N GLY A 339 35.77 23.32 2.23
CA GLY A 339 34.91 24.47 2.24
C GLY A 339 33.88 24.37 3.35
N PRO A 340 32.88 25.27 3.35
CA PRO A 340 31.83 25.29 4.36
C PRO A 340 30.83 24.14 4.23
N GLU A 341 30.05 23.94 5.28
CA GLU A 341 29.03 22.90 5.31
C GLU A 341 28.11 23.18 4.11
N ARG A 342 27.68 22.12 3.43
CA ARG A 342 26.84 22.27 2.26
C ARG A 342 25.51 21.53 2.36
N ARG A 343 24.58 21.91 1.49
CA ARG A 343 23.28 21.26 1.39
C ARG A 343 23.53 20.44 0.13
N ILE A 344 23.57 19.12 0.28
CA ILE A 344 23.86 18.27 -0.87
C ILE A 344 22.68 17.45 -1.32
N LEU A 345 22.42 17.47 -2.63
CA LEU A 345 21.34 16.69 -3.20
C LEU A 345 22.01 15.52 -3.94
N THR A 346 21.36 14.37 -3.97
CA THR A 346 21.93 13.22 -4.65
C THR A 346 20.88 12.55 -5.52
N GLY A 347 21.32 11.65 -6.40
CA GLY A 347 20.39 10.91 -7.25
C GLY A 347 20.28 9.48 -6.75
N TYR A 348 20.61 9.27 -5.48
CA TYR A 348 20.56 7.96 -4.84
C TYR A 348 19.15 7.39 -4.72
N GLY A 349 19.01 6.09 -4.97
CA GLY A 349 17.71 5.44 -4.82
C GLY A 349 16.79 5.33 -6.02
N ALA A 350 17.14 6.02 -7.11
CA ALA A 350 16.33 5.99 -8.32
C ALA A 350 16.20 4.58 -8.91
N ASP A 351 17.27 3.80 -8.82
CA ASP A 351 17.23 2.45 -9.37
C ASP A 351 16.29 1.49 -8.66
N ILE A 352 16.06 1.72 -7.36
CA ILE A 352 15.20 0.82 -6.60
C ILE A 352 13.77 0.72 -7.15
N PRO A 353 13.05 1.84 -7.24
CA PRO A 353 11.68 1.79 -7.76
C PRO A 353 11.67 1.47 -9.26
N LEU A 354 12.77 1.79 -9.94
CA LEU A 354 12.88 1.57 -11.38
C LEU A 354 13.55 0.29 -11.80
N GLY A 355 14.00 -0.50 -10.82
CA GLY A 355 14.68 -1.72 -11.15
C GLY A 355 15.85 -1.38 -12.04
N GLY A 356 16.78 -0.59 -11.51
CA GLY A 356 17.95 -0.19 -12.26
C GLY A 356 18.97 -1.28 -12.51
N MET A 357 18.69 -2.50 -12.03
CA MET A 357 19.61 -3.63 -12.22
C MET A 357 19.06 -4.59 -13.27
N HIS A 358 17.80 -4.39 -13.66
CA HIS A 358 17.15 -5.22 -14.65
C HIS A 358 17.79 -4.99 -16.01
N ARG A 359 18.23 -6.07 -16.65
CA ARG A 359 18.92 -5.94 -17.93
C ARG A 359 18.28 -6.65 -19.13
N GLU A 360 16.96 -6.76 -19.17
CA GLU A 360 16.30 -7.42 -20.31
C GLU A 360 14.97 -6.77 -20.63
N ASP A 361 14.28 -7.32 -21.62
CA ASP A 361 12.98 -6.81 -22.06
C ASP A 361 11.81 -7.48 -21.34
N ARG A 362 12.05 -8.71 -20.86
CA ARG A 362 11.01 -9.45 -20.13
C ARG A 362 10.72 -8.73 -18.82
N LEU A 363 9.56 -8.09 -18.77
CA LEU A 363 9.13 -7.32 -17.60
C LEU A 363 8.91 -8.08 -16.28
N PRO A 364 8.40 -9.32 -16.32
CA PRO A 364 8.16 -10.09 -15.08
C PRO A 364 9.22 -9.98 -14.00
N ALA A 365 10.47 -10.29 -14.34
CA ALA A 365 11.58 -10.24 -13.39
C ALA A 365 11.83 -8.84 -12.82
N LEU A 366 11.52 -7.81 -13.60
CA LEU A 366 11.71 -6.44 -13.12
C LEU A 366 10.79 -6.16 -11.94
N ASP A 367 9.50 -6.48 -12.08
CA ASP A 367 8.54 -6.26 -11.00
C ASP A 367 8.84 -7.14 -9.78
N THR A 368 9.33 -8.34 -10.01
CA THR A 368 9.64 -9.25 -8.90
C THR A 368 10.70 -8.63 -8.03
N VAL A 369 11.78 -8.22 -8.67
CA VAL A 369 12.88 -7.59 -7.95
C VAL A 369 12.46 -6.28 -7.31
N LEU A 370 11.66 -5.51 -8.03
CA LEU A 370 11.15 -4.22 -7.56
C LEU A 370 10.35 -4.39 -6.27
N ALA A 371 9.35 -5.27 -6.32
CA ALA A 371 8.50 -5.53 -5.16
C ALA A 371 9.31 -6.02 -3.97
N HIS A 372 10.29 -6.87 -4.24
CA HIS A 372 11.13 -7.42 -3.18
C HIS A 372 12.00 -6.31 -2.57
N ASP A 373 12.61 -5.49 -3.44
CA ASP A 373 13.43 -4.39 -2.93
C ASP A 373 12.62 -3.43 -2.07
N MET A 374 11.45 -3.06 -2.57
CA MET A 374 10.57 -2.13 -1.86
C MET A 374 10.08 -2.68 -0.53
N ALA A 375 10.07 -4.00 -0.39
CA ALA A 375 9.63 -4.62 0.84
C ALA A 375 10.77 -4.91 1.82
N THR A 376 12.02 -4.70 1.39
CA THR A 376 13.16 -5.03 2.25
C THR A 376 14.23 -3.95 2.48
N PHE A 377 13.92 -2.70 2.14
CA PHE A 377 14.88 -1.61 2.30
C PHE A 377 15.05 -1.14 3.74
N ASP A 378 13.98 -1.25 4.51
CA ASP A 378 13.98 -0.82 5.90
C ASP A 378 15.04 -1.53 6.73
N GLY A 379 15.86 -0.76 7.43
CA GLY A 379 16.91 -1.34 8.23
C GLY A 379 18.27 -1.26 7.59
N LEU A 380 18.34 -0.90 6.31
CA LEU A 380 19.63 -0.79 5.62
C LEU A 380 20.36 0.52 5.86
N ASN A 381 19.58 1.54 6.23
CA ASN A 381 20.08 2.89 6.50
C ASN A 381 20.94 3.47 5.39
N GLU A 382 20.74 3.01 4.17
CA GLU A 382 21.55 3.48 3.06
C GLU A 382 21.40 4.96 2.74
N MET A 383 20.32 5.57 3.20
CA MET A 383 20.12 6.99 2.93
C MET A 383 20.22 7.86 4.18
N SER A 384 20.78 7.29 5.23
CA SER A 384 20.97 8.00 6.49
C SER A 384 21.73 9.30 6.29
N PRO A 385 21.29 10.35 6.97
CA PRO A 385 21.98 11.64 6.85
C PRO A 385 23.36 11.61 7.50
N VAL A 386 23.56 10.72 8.46
CA VAL A 386 24.84 10.60 9.16
C VAL A 386 26.01 10.32 8.21
N LEU A 387 25.71 9.71 7.07
CA LEU A 387 26.74 9.42 6.07
C LEU A 387 27.48 10.70 5.72
N SER A 388 26.75 11.80 5.59
CA SER A 388 27.37 13.06 5.24
C SER A 388 27.58 14.02 6.42
N THR A 389 26.68 13.97 7.41
CA THR A 389 26.78 14.86 8.56
C THR A 389 27.93 14.53 9.48
N LEU A 390 28.57 13.39 9.24
CA LEU A 390 29.72 13.02 10.04
C LEU A 390 30.82 14.01 9.66
N ALA A 391 30.64 14.70 8.52
CA ALA A 391 31.62 15.70 8.09
C ALA A 391 30.96 17.07 8.08
N GLY A 392 29.81 17.17 8.74
CA GLY A 392 29.10 18.44 8.80
C GLY A 392 28.26 18.78 7.58
N HIS A 393 28.04 17.83 6.68
CA HIS A 393 27.24 18.10 5.49
C HIS A 393 25.88 17.43 5.55
N TRP A 394 24.86 18.17 5.14
CA TRP A 394 23.50 17.66 5.12
C TRP A 394 23.17 17.14 3.73
N THR A 395 22.60 15.93 3.65
CA THR A 395 22.21 15.37 2.35
C THR A 395 20.72 15.04 2.34
N THR A 396 20.13 15.14 1.15
CA THR A 396 18.73 14.81 0.95
C THR A 396 18.65 14.15 -0.44
N HIS A 397 17.71 13.23 -0.59
CA HIS A 397 17.56 12.45 -1.82
C HIS A 397 16.17 12.57 -2.43
N PRO A 398 16.01 13.42 -3.45
CA PRO A 398 14.73 13.63 -4.13
C PRO A 398 14.01 12.44 -4.77
N TYR A 399 14.75 11.40 -5.18
CA TYR A 399 14.10 10.25 -5.80
C TYR A 399 13.29 9.45 -4.78
N TRP A 400 13.63 9.57 -3.50
CA TRP A 400 12.89 8.87 -2.47
C TRP A 400 11.92 9.79 -1.73
N ASP A 401 11.65 10.90 -2.40
CA ASP A 401 10.69 11.87 -1.92
C ASP A 401 9.41 11.03 -1.92
N ARG A 402 8.53 11.20 -0.95
CA ARG A 402 7.32 10.38 -0.93
C ARG A 402 6.53 10.42 -2.23
N GLU A 403 6.29 11.62 -2.75
CA GLU A 403 5.54 11.79 -3.99
C GLU A 403 6.26 11.21 -5.20
N VAL A 404 7.56 11.46 -5.31
CA VAL A 404 8.30 10.91 -6.43
C VAL A 404 8.32 9.38 -6.33
N LEU A 405 8.61 8.87 -5.13
CA LEU A 405 8.67 7.43 -4.88
C LEU A 405 7.34 6.74 -5.21
N ASP A 406 6.25 7.25 -4.64
CA ASP A 406 4.93 6.66 -4.90
C ASP A 406 4.70 6.51 -6.40
N LEU A 407 5.00 7.57 -7.14
CA LEU A 407 4.82 7.58 -8.58
C LEU A 407 5.72 6.57 -9.32
N LEU A 408 7.02 6.64 -9.06
CA LEU A 408 7.95 5.74 -9.74
C LEU A 408 7.62 4.28 -9.45
N VAL A 409 7.27 3.98 -8.19
CA VAL A 409 6.90 2.60 -7.82
C VAL A 409 5.64 2.14 -8.54
N SER A 410 4.66 3.02 -8.66
CA SER A 410 3.37 2.67 -9.28
C SER A 410 3.40 2.42 -10.79
N LEU A 411 4.37 2.98 -11.50
CA LEU A 411 4.39 2.78 -12.95
C LEU A 411 4.55 1.31 -13.36
N GLU A 412 3.79 0.92 -14.38
CA GLU A 412 3.84 -0.46 -14.89
C GLU A 412 5.22 -0.68 -15.47
N ALA A 413 5.72 -1.89 -15.30
CA ALA A 413 7.04 -2.31 -15.77
C ALA A 413 7.39 -1.84 -17.18
N GLY A 414 6.39 -1.79 -18.05
CA GLY A 414 6.61 -1.38 -19.43
C GLY A 414 7.03 0.06 -19.61
N LEU A 415 6.93 0.85 -18.55
CA LEU A 415 7.32 2.26 -18.63
C LEU A 415 8.72 2.43 -18.07
N LYS A 416 9.20 1.40 -17.38
CA LYS A 416 10.53 1.43 -16.80
C LYS A 416 11.51 0.80 -17.79
N ARG A 417 11.08 -0.29 -18.42
CA ARG A 417 11.90 -0.96 -19.42
C ARG A 417 11.16 -0.80 -20.74
N ARG A 418 11.55 0.19 -21.53
CA ARG A 418 10.87 0.46 -22.79
C ARG A 418 11.87 0.91 -23.85
N HIS A 419 11.60 0.53 -25.10
CA HIS A 419 12.48 0.89 -26.21
C HIS A 419 13.89 0.36 -26.03
N GLY A 420 13.97 -0.80 -25.39
CA GLY A 420 15.26 -1.43 -25.15
C GLY A 420 16.13 -0.57 -24.25
N ARG A 421 15.52 0.14 -23.31
CA ARG A 421 16.29 1.00 -22.42
C ARG A 421 15.74 0.93 -20.99
N ASP A 422 16.63 0.80 -20.02
CA ASP A 422 16.24 0.73 -18.62
C ASP A 422 15.86 2.11 -18.07
N LYS A 423 14.99 2.13 -17.08
CA LYS A 423 14.55 3.37 -16.45
C LYS A 423 14.10 4.38 -17.51
N TRP A 424 13.50 3.85 -18.57
CA TRP A 424 13.06 4.67 -19.69
C TRP A 424 12.34 5.97 -19.36
N VAL A 425 11.25 5.86 -18.59
CA VAL A 425 10.46 7.03 -18.23
C VAL A 425 11.28 8.18 -17.63
N LEU A 426 12.30 7.84 -16.85
CA LEU A 426 13.15 8.87 -16.27
C LEU A 426 14.05 9.51 -17.31
N ARG A 427 14.64 8.69 -18.17
CA ARG A 427 15.52 9.16 -19.23
C ARG A 427 14.76 10.11 -20.13
N ALA A 428 13.55 9.69 -20.52
CA ALA A 428 12.74 10.53 -21.39
C ALA A 428 12.31 11.82 -20.71
N ALA A 429 12.20 11.79 -19.38
CA ALA A 429 11.77 12.97 -18.63
C ALA A 429 12.84 14.06 -18.54
N MET A 430 14.09 13.69 -18.73
CA MET A 430 15.18 14.67 -18.66
C MET A 430 15.79 14.94 -20.03
N ALA A 431 15.21 14.35 -21.07
CA ALA A 431 15.69 14.49 -22.44
C ALA A 431 15.98 15.92 -22.90
N ASP A 432 15.00 16.81 -22.75
CA ASP A 432 15.18 18.20 -23.18
C ASP A 432 15.96 19.05 -22.19
N ALA A 433 16.73 18.42 -21.31
CA ALA A 433 17.50 19.18 -20.32
C ALA A 433 18.91 18.65 -20.14
N LEU A 434 19.24 17.59 -20.86
CA LEU A 434 20.57 17.00 -20.76
C LEU A 434 21.02 16.51 -22.12
N PRO A 435 22.33 16.32 -22.29
CA PRO A 435 22.85 15.85 -23.57
C PRO A 435 22.41 14.41 -23.86
N ALA A 436 22.15 14.12 -25.13
CA ALA A 436 21.72 12.80 -25.59
C ALA A 436 22.59 11.69 -25.01
N GLU A 437 23.89 11.95 -24.92
CA GLU A 437 24.85 10.99 -24.40
C GLU A 437 24.55 10.64 -22.94
N THR A 438 24.07 11.62 -22.19
CA THR A 438 23.75 11.39 -20.77
C THR A 438 22.42 10.68 -20.59
N VAL A 439 21.48 10.96 -21.49
CA VAL A 439 20.13 10.37 -21.46
C VAL A 439 20.11 8.87 -21.75
N ASN A 440 20.96 8.41 -22.66
CA ASN A 440 21.02 7.00 -23.04
C ASN A 440 22.10 6.21 -22.30
N ARG A 441 22.86 6.93 -21.48
CA ARG A 441 23.94 6.37 -20.68
C ARG A 441 23.48 5.14 -19.91
N PRO A 442 24.10 3.98 -20.17
CA PRO A 442 23.74 2.74 -19.47
C PRO A 442 23.99 2.94 -17.98
N LYS A 443 23.30 2.17 -17.14
CA LYS A 443 23.44 2.29 -15.67
C LYS A 443 24.75 1.68 -15.15
N LEU A 444 25.32 2.38 -14.15
CA LEU A 444 26.55 2.00 -13.46
C LEU A 444 26.53 2.23 -11.98
N GLY A 445 26.73 1.23 -11.16
CA GLY A 445 26.71 1.27 -9.71
C GLY A 445 28.02 1.71 -9.06
N VAL A 446 27.87 2.76 -8.24
CA VAL A 446 29.03 3.56 -7.89
C VAL A 446 30.24 2.69 -7.47
N HIS A 447 30.08 1.53 -6.95
CA HIS A 447 30.76 0.34 -6.80
C HIS A 447 31.49 -0.32 -7.92
N GLU A 448 31.10 0.10 -9.13
CA GLU A 448 31.61 -0.35 -10.43
C GLU A 448 32.42 0.78 -11.07
N GLY A 449 31.95 2.01 -10.89
CA GLY A 449 32.61 3.17 -11.47
C GLY A 449 33.84 3.63 -10.72
N SER A 450 34.08 3.03 -9.55
CA SER A 450 35.24 3.36 -8.72
C SER A 450 35.93 2.08 -8.22
N GLY A 451 35.40 0.92 -8.63
CA GLY A 451 35.98 -0.35 -8.23
C GLY A 451 35.99 -0.58 -6.73
N THR A 452 34.83 -0.47 -6.09
CA THR A 452 34.74 -0.68 -4.65
C THR A 452 34.54 -2.15 -4.33
N THR A 453 33.63 -2.79 -5.06
CA THR A 453 33.32 -4.21 -4.88
C THR A 453 34.54 -5.05 -5.24
N SER A 454 35.22 -4.69 -6.32
CA SER A 454 36.42 -5.42 -6.74
C SER A 454 37.54 -5.21 -5.73
N SER A 455 37.75 -3.95 -5.30
CA SER A 455 38.79 -3.64 -4.34
C SER A 455 38.62 -4.41 -3.04
N PHE A 456 37.41 -4.37 -2.51
CA PHE A 456 37.13 -5.06 -1.26
C PHE A 456 37.34 -6.57 -1.44
N SER A 457 36.98 -7.09 -2.60
CA SER A 457 37.16 -8.51 -2.88
C SER A 457 38.65 -8.84 -2.98
N ARG A 458 39.39 -7.99 -3.70
CA ARG A 458 40.83 -8.16 -3.87
C ARG A 458 41.54 -8.13 -2.53
N LEU A 459 41.08 -7.26 -1.65
CA LEU A 459 41.67 -7.17 -0.33
C LEU A 459 41.56 -8.51 0.38
N LEU A 460 40.37 -9.09 0.36
CA LEU A 460 40.14 -10.39 1.01
C LEU A 460 40.88 -11.49 0.26
N LEU A 461 40.86 -11.43 -1.07
CA LEU A 461 41.55 -12.43 -1.88
C LEU A 461 43.05 -12.38 -1.63
N ASP A 462 43.59 -11.20 -1.37
CA ASP A 462 45.02 -11.06 -1.12
C ASP A 462 45.40 -11.52 0.28
N HIS A 463 44.38 -11.83 1.09
CA HIS A 463 44.61 -12.28 2.47
C HIS A 463 44.42 -13.79 2.56
N GLY A 464 44.11 -14.41 1.42
CA GLY A 464 43.92 -15.84 1.37
C GLY A 464 42.47 -16.29 1.35
N VAL A 465 41.54 -15.34 1.45
CA VAL A 465 40.13 -15.69 1.43
C VAL A 465 39.76 -16.26 0.06
N ALA A 466 39.41 -17.55 0.05
CA ALA A 466 39.04 -18.25 -1.18
C ALA A 466 37.80 -17.63 -1.80
N GLU A 467 37.57 -17.78 -3.12
CA GLU A 467 36.37 -17.43 -3.85
C GLU A 467 34.96 -17.78 -3.47
N ASP A 468 34.31 -18.85 -3.37
CA ASP A 468 32.77 -19.14 -3.13
C ASP A 468 32.57 -18.77 -1.66
N ARG A 469 33.18 -17.66 -1.18
CA ARG A 469 33.45 -17.40 0.23
C ARG A 469 33.90 -16.00 0.57
N VAL A 470 34.11 -15.15 -0.45
CA VAL A 470 34.45 -13.75 -0.25
C VAL A 470 33.26 -12.99 0.32
N HIS A 471 32.06 -13.28 -0.19
CA HIS A 471 30.85 -12.61 0.27
C HIS A 471 30.69 -12.78 1.79
N GLU A 472 30.70 -14.03 2.25
CA GLU A 472 30.57 -14.28 3.69
C GLU A 472 31.67 -13.59 4.48
N ALA A 473 32.85 -13.51 3.89
CA ALA A 473 33.97 -12.86 4.54
C ALA A 473 33.63 -11.38 4.72
N LYS A 474 33.10 -10.78 3.66
CA LYS A 474 32.71 -9.37 3.70
C LYS A 474 31.67 -9.15 4.78
N ARG A 475 30.84 -10.18 5.03
CA ARG A 475 29.81 -10.08 6.05
C ARG A 475 30.48 -10.04 7.42
N GLN A 476 31.32 -11.03 7.69
CA GLN A 476 32.02 -11.10 8.97
C GLN A 476 32.81 -9.83 9.24
N VAL A 477 33.43 -9.29 8.19
CA VAL A 477 34.23 -8.08 8.34
C VAL A 477 33.35 -6.90 8.77
N VAL A 478 32.28 -6.66 8.02
CA VAL A 478 31.36 -5.58 8.31
C VAL A 478 30.76 -5.74 9.71
N ARG A 479 30.28 -6.95 10.00
CA ARG A 479 29.68 -7.19 11.31
C ARG A 479 30.71 -6.97 12.42
N GLU A 480 31.96 -7.31 12.15
CA GLU A 480 33.00 -7.13 13.16
C GLU A 480 33.25 -5.65 13.41
N LEU A 481 33.22 -4.86 12.34
CA LEU A 481 33.42 -3.41 12.43
C LEU A 481 32.30 -2.78 13.24
N PHE A 482 31.08 -3.28 13.03
CA PHE A 482 29.91 -2.77 13.73
C PHE A 482 29.98 -3.03 15.24
N ASP A 483 30.30 -4.27 15.61
CA ASP A 483 30.42 -4.61 17.02
C ASP A 483 31.44 -3.71 17.70
N LEU A 484 32.47 -3.31 16.97
CA LEU A 484 33.51 -2.45 17.54
C LEU A 484 33.12 -0.97 17.57
N THR A 485 32.69 -0.41 16.45
CA THR A 485 32.34 1.00 16.38
C THR A 485 30.97 1.37 16.94
N VAL A 486 29.97 0.53 16.70
CA VAL A 486 28.62 0.82 17.18
C VAL A 486 28.31 0.18 18.52
N GLY A 487 28.70 -1.06 18.69
CA GLY A 487 28.43 -1.75 19.95
C GLY A 487 29.48 -1.51 21.01
N GLY A 488 30.75 -1.33 20.60
CA GLY A 488 31.80 -1.12 21.58
C GLY A 488 32.21 0.31 21.84
N GLY A 489 31.57 1.24 21.14
CA GLY A 489 31.91 2.65 21.33
C GLY A 489 33.32 2.97 20.89
N ARG A 490 33.80 2.27 19.86
CA ARG A 490 35.16 2.51 19.35
C ARG A 490 35.11 3.43 18.14
N HIS A 491 35.91 4.49 18.17
CA HIS A 491 35.95 5.42 17.05
C HIS A 491 36.67 4.74 15.87
N PRO A 492 36.21 4.99 14.63
CA PRO A 492 36.80 4.39 13.43
C PRO A 492 38.32 4.58 13.33
N SER A 493 38.79 5.77 13.68
CA SER A 493 40.22 6.07 13.61
C SER A 493 41.02 5.10 14.49
N GLU A 494 40.40 4.63 15.57
CA GLU A 494 41.06 3.70 16.48
C GLU A 494 40.95 2.26 15.98
N VAL A 495 40.35 2.09 14.80
CA VAL A 495 40.18 0.75 14.24
C VAL A 495 40.98 0.55 12.96
N ASP A 496 41.78 -0.51 12.93
CA ASP A 496 42.59 -0.80 11.75
C ASP A 496 41.88 -1.85 10.90
N THR A 497 41.39 -1.43 9.74
CA THR A 497 40.68 -2.32 8.83
C THR A 497 41.44 -3.60 8.48
N ASP A 498 42.75 -3.45 8.23
CA ASP A 498 43.60 -4.59 7.87
C ASP A 498 43.61 -5.67 8.96
N ASP A 499 43.69 -5.25 10.22
CA ASP A 499 43.71 -6.19 11.33
C ASP A 499 42.43 -7.00 11.37
N VAL A 500 41.31 -6.36 11.02
CA VAL A 500 40.01 -7.04 11.01
C VAL A 500 39.90 -8.02 9.85
N VAL A 501 40.39 -7.59 8.68
CA VAL A 501 40.37 -8.44 7.50
C VAL A 501 41.23 -9.68 7.82
N ARG A 502 42.37 -9.45 8.48
CA ARG A 502 43.30 -10.51 8.88
C ARG A 502 42.58 -11.54 9.74
N SER A 503 42.02 -11.08 10.85
CA SER A 503 41.30 -11.95 11.76
C SER A 503 40.24 -12.80 11.07
N VAL A 504 39.44 -12.16 10.21
CA VAL A 504 38.37 -12.87 9.49
C VAL A 504 38.91 -13.85 8.46
N ALA A 505 39.98 -13.47 7.77
CA ALA A 505 40.57 -14.34 6.77
C ALA A 505 41.13 -15.63 7.38
N ASP A 506 41.53 -15.58 8.65
CA ASP A 506 42.08 -16.77 9.32
C ASP A 506 41.08 -17.93 9.34
N ARG A 507 39.82 -17.66 9.03
CA ARG A 507 38.78 -18.69 9.01
C ARG A 507 38.37 -19.04 7.57
N ALA B 3 -21.65 -5.72 -25.93
CA ALA B 3 -23.09 -6.05 -26.13
C ALA B 3 -23.64 -6.79 -24.91
N PRO B 4 -22.96 -7.88 -24.47
CA PRO B 4 -23.45 -8.63 -23.29
C PRO B 4 -23.65 -7.72 -22.09
N VAL B 5 -24.82 -7.83 -21.47
CA VAL B 5 -25.15 -7.03 -20.31
C VAL B 5 -24.52 -7.62 -19.03
N LEU B 6 -24.44 -8.94 -18.95
CA LEU B 6 -23.89 -9.61 -17.76
C LEU B 6 -22.54 -10.28 -18.01
N PRO B 7 -21.71 -10.43 -16.97
CA PRO B 7 -20.41 -11.07 -17.18
C PRO B 7 -20.54 -12.42 -17.88
N ALA B 8 -19.50 -12.88 -18.56
CA ALA B 8 -19.56 -14.14 -19.28
C ALA B 8 -19.82 -15.30 -18.32
N ALA B 9 -19.43 -15.13 -17.06
CA ALA B 9 -19.64 -16.16 -16.03
C ALA B 9 -19.68 -15.52 -14.64
N PHE B 10 -20.62 -15.97 -13.81
CA PHE B 10 -20.76 -15.48 -12.44
C PHE B 10 -19.80 -16.17 -11.48
N GLY B 11 -19.57 -17.46 -11.67
CA GLY B 11 -18.69 -18.20 -10.79
C GLY B 11 -18.23 -19.50 -11.41
N PHE B 12 -17.54 -20.35 -10.65
CA PHE B 12 -17.09 -21.61 -11.22
C PHE B 12 -16.58 -22.57 -10.17
N LEU B 13 -16.27 -23.78 -10.63
CA LEU B 13 -15.67 -24.81 -9.79
C LEU B 13 -14.68 -25.38 -10.78
N ALA B 14 -13.40 -25.14 -10.55
CA ALA B 14 -12.34 -25.60 -11.44
C ALA B 14 -11.45 -26.65 -10.75
N SER B 15 -10.91 -27.58 -11.54
CA SER B 15 -10.05 -28.61 -10.96
C SER B 15 -8.76 -28.85 -11.77
N ALA B 16 -7.64 -28.95 -11.07
CA ALA B 16 -6.36 -29.21 -11.70
C ALA B 16 -5.81 -30.45 -10.99
N ARG B 17 -5.80 -31.56 -11.69
CA ARG B 17 -5.31 -32.80 -11.12
C ARG B 17 -4.08 -33.31 -11.84
N THR B 18 -3.15 -33.86 -11.07
CA THR B 18 -1.91 -34.40 -11.62
C THR B 18 -2.20 -35.74 -12.27
N GLY B 19 -3.37 -36.30 -11.97
CA GLY B 19 -3.73 -37.58 -12.54
C GLY B 19 -5.08 -38.07 -12.04
N GLY B 20 -5.98 -38.36 -12.96
CA GLY B 20 -7.30 -38.84 -12.58
C GLY B 20 -8.42 -38.00 -13.13
N GLY B 21 -9.65 -38.41 -12.77
CA GLY B 21 -10.63 -37.58 -13.40
C GLY B 21 -11.60 -37.07 -12.45
N ARG B 22 -12.68 -37.78 -12.01
CA ARG B 22 -13.88 -37.01 -11.92
C ARG B 22 -14.51 -36.60 -10.62
N ALA B 23 -14.39 -35.59 -9.90
CA ALA B 23 -14.76 -34.07 -10.06
C ALA B 23 -16.26 -34.17 -10.30
N PRO B 24 -16.97 -34.24 -9.12
CA PRO B 24 -18.43 -34.37 -9.07
C PRO B 24 -19.17 -33.05 -9.34
N GLY B 25 -20.48 -33.14 -9.52
CA GLY B 25 -21.29 -31.97 -9.81
C GLY B 25 -21.27 -30.90 -8.72
N PRO B 26 -20.95 -29.65 -9.07
CA PRO B 26 -20.89 -28.51 -8.14
C PRO B 26 -22.25 -28.07 -7.60
N VAL B 27 -22.27 -27.62 -6.36
CA VAL B 27 -23.49 -27.14 -5.73
C VAL B 27 -23.31 -25.64 -5.46
N PHE B 28 -23.92 -24.82 -6.30
CA PHE B 28 -23.82 -23.36 -6.19
C PHE B 28 -25.11 -22.67 -5.70
N ALA B 29 -24.95 -21.53 -5.04
CA ALA B 29 -26.08 -20.74 -4.57
C ALA B 29 -26.41 -19.80 -5.73
N THR B 30 -25.41 -19.53 -6.56
CA THR B 30 -25.57 -18.66 -7.72
C THR B 30 -26.56 -19.34 -8.66
N ARG B 31 -27.46 -18.57 -9.26
CA ARG B 31 -28.45 -19.13 -10.17
C ARG B 31 -27.96 -18.98 -11.60
N GLY B 32 -28.09 -20.05 -12.38
CA GLY B 32 -27.65 -20.03 -13.76
C GLY B 32 -27.38 -21.40 -14.34
N SER B 33 -26.91 -21.41 -15.59
CA SER B 33 -26.59 -22.66 -16.27
C SER B 33 -25.24 -23.13 -15.79
N HIS B 34 -25.03 -24.45 -15.82
CA HIS B 34 -23.74 -25.03 -15.43
C HIS B 34 -23.15 -25.63 -16.68
N THR B 35 -22.03 -25.06 -17.13
CA THR B 35 -21.38 -25.53 -18.34
C THR B 35 -19.92 -25.87 -18.11
N ASP B 36 -19.57 -27.14 -18.35
CA ASP B 36 -18.18 -27.56 -18.18
C ASP B 36 -17.41 -27.18 -19.42
N ILE B 37 -16.17 -26.71 -19.24
CA ILE B 37 -15.36 -26.36 -20.39
C ILE B 37 -14.70 -27.61 -20.91
N ASP B 38 -14.18 -27.52 -22.13
CA ASP B 38 -13.52 -28.65 -22.76
C ASP B 38 -12.17 -28.91 -22.11
N THR B 39 -11.72 -30.16 -22.19
CA THR B 39 -10.43 -30.56 -21.63
C THR B 39 -9.65 -31.27 -22.74
N PRO B 40 -9.16 -30.50 -23.73
CA PRO B 40 -8.39 -30.99 -24.88
C PRO B 40 -7.14 -31.80 -24.57
N GLN B 41 -6.56 -31.61 -23.39
CA GLN B 41 -5.37 -32.37 -23.04
C GLN B 41 -5.62 -33.37 -21.90
N GLY B 42 -6.86 -33.81 -21.77
CA GLY B 42 -7.21 -34.77 -20.74
C GLY B 42 -6.96 -34.31 -19.32
N GLU B 43 -6.22 -35.09 -18.54
CA GLU B 43 -5.95 -34.71 -17.16
C GLU B 43 -4.92 -33.59 -17.01
N ARG B 44 -4.24 -33.25 -18.11
CA ARG B 44 -3.25 -32.17 -18.09
C ARG B 44 -4.00 -30.86 -18.40
N SER B 45 -5.31 -30.97 -18.57
CA SER B 45 -6.14 -29.82 -18.87
C SER B 45 -6.70 -29.23 -17.59
N LEU B 46 -7.20 -28.01 -17.70
CA LEU B 46 -7.83 -27.37 -16.56
C LEU B 46 -9.31 -27.72 -16.71
N ALA B 47 -9.86 -28.44 -15.73
CA ALA B 47 -11.27 -28.81 -15.77
C ALA B 47 -12.02 -27.75 -14.99
N ALA B 48 -13.19 -27.34 -15.49
CA ALA B 48 -13.97 -26.31 -14.81
C ALA B 48 -15.46 -26.25 -15.16
N THR B 49 -16.28 -26.06 -14.15
CA THR B 49 -17.71 -25.93 -14.37
C THR B 49 -18.06 -24.45 -14.16
N LEU B 50 -18.58 -23.80 -15.19
CA LEU B 50 -18.93 -22.40 -15.07
C LEU B 50 -20.42 -22.21 -14.84
N VAL B 51 -20.78 -21.27 -13.96
CA VAL B 51 -22.20 -20.98 -13.71
C VAL B 51 -22.36 -19.58 -14.32
N HIS B 52 -23.27 -19.46 -15.29
CA HIS B 52 -23.45 -18.20 -16.02
C HIS B 52 -24.90 -17.92 -16.43
N ALA B 53 -25.13 -16.72 -16.98
CA ALA B 53 -26.45 -16.28 -17.45
C ALA B 53 -27.04 -17.22 -18.50
N PRO B 54 -28.26 -17.73 -18.27
CA PRO B 54 -28.89 -18.63 -19.24
C PRO B 54 -29.04 -18.01 -20.63
N SER B 55 -28.79 -18.81 -21.65
CA SER B 55 -28.88 -18.44 -23.05
C SER B 55 -27.70 -17.63 -23.60
N VAL B 56 -26.65 -17.47 -22.79
CA VAL B 56 -25.47 -16.75 -23.23
C VAL B 56 -24.23 -17.61 -22.99
N ALA B 57 -23.73 -18.23 -24.06
CA ALA B 57 -22.54 -19.07 -23.98
C ALA B 57 -21.43 -18.33 -23.23
N PRO B 58 -20.78 -18.99 -22.26
CA PRO B 58 -19.70 -18.41 -21.44
C PRO B 58 -18.31 -18.38 -22.08
N ASP B 59 -18.27 -18.47 -23.41
CA ASP B 59 -17.03 -18.46 -24.20
C ASP B 59 -16.00 -17.40 -23.81
N ARG B 60 -16.47 -16.20 -23.49
CA ARG B 60 -15.58 -15.10 -23.11
C ARG B 60 -15.00 -15.27 -21.72
N ALA B 61 -15.48 -16.26 -20.98
CA ALA B 61 -14.98 -16.52 -19.64
C ALA B 61 -13.81 -17.48 -19.67
N VAL B 62 -13.47 -17.96 -20.86
CA VAL B 62 -12.37 -18.91 -21.03
C VAL B 62 -11.38 -18.50 -22.11
N ALA B 63 -10.11 -18.80 -21.89
CA ALA B 63 -9.08 -18.48 -22.87
C ALA B 63 -7.97 -19.51 -22.77
N ARG B 64 -7.38 -19.84 -23.92
CA ARG B 64 -6.31 -20.83 -23.99
C ARG B 64 -5.11 -20.28 -24.75
N SER B 65 -3.96 -20.94 -24.58
CA SER B 65 -2.72 -20.52 -25.25
C SER B 65 -2.85 -20.55 -26.77
N LEU B 66 -2.20 -19.61 -27.44
CA LEU B 66 -2.24 -19.55 -28.89
C LEU B 66 -1.14 -20.40 -29.48
N THR B 67 -0.51 -21.21 -28.65
CA THR B 67 0.56 -22.07 -29.14
C THR B 67 0.17 -23.54 -29.00
N GLY B 68 -1.11 -23.77 -28.71
CA GLY B 68 -1.60 -25.14 -28.56
C GLY B 68 -1.05 -25.85 -27.34
N ALA B 69 -0.51 -25.09 -26.40
CA ALA B 69 0.07 -25.65 -25.18
C ALA B 69 -0.95 -25.76 -24.04
N PRO B 70 -0.62 -26.57 -23.01
CA PRO B 70 -1.48 -26.80 -21.83
C PRO B 70 -1.73 -25.57 -20.97
N THR B 71 -2.25 -24.50 -21.55
CA THR B 71 -2.55 -23.31 -20.77
C THR B 71 -3.99 -22.87 -20.99
N THR B 72 -4.73 -22.78 -19.90
CA THR B 72 -6.14 -22.38 -19.96
C THR B 72 -6.46 -21.46 -18.80
N ALA B 73 -7.28 -20.45 -19.08
CA ALA B 73 -7.69 -19.50 -18.07
C ALA B 73 -9.21 -19.44 -17.95
N VAL B 74 -9.72 -19.29 -16.73
CA VAL B 74 -11.14 -19.20 -16.50
C VAL B 74 -11.32 -17.99 -15.60
N LEU B 75 -12.24 -17.11 -15.98
CA LEU B 75 -12.46 -15.89 -15.20
C LEU B 75 -13.94 -15.64 -14.94
N ALA B 76 -14.26 -15.45 -13.66
CA ALA B 76 -15.63 -15.14 -13.24
C ALA B 76 -15.62 -13.62 -13.01
N GLY B 77 -16.63 -12.93 -13.52
CA GLY B 77 -16.67 -11.51 -13.34
C GLY B 77 -16.24 -10.71 -14.55
N GLU B 78 -15.78 -9.49 -14.31
CA GLU B 78 -15.38 -8.62 -15.41
C GLU B 78 -14.29 -7.62 -15.02
N ILE B 79 -13.73 -6.97 -16.04
CA ILE B 79 -12.67 -5.97 -15.87
C ILE B 79 -13.19 -4.59 -16.28
N TYR B 80 -12.80 -3.55 -15.54
CA TYR B 80 -13.26 -2.20 -15.84
C TYR B 80 -12.29 -1.31 -16.60
N ASN B 81 -10.99 -1.44 -16.36
CA ASN B 81 -10.02 -0.60 -17.05
C ASN B 81 -9.47 -1.26 -18.31
N ARG B 82 -10.38 -1.71 -19.16
CA ARG B 82 -10.01 -2.40 -20.40
C ARG B 82 -9.17 -1.54 -21.35
N ASP B 83 -9.66 -0.34 -21.67
CA ASP B 83 -8.88 0.52 -22.57
C ASP B 83 -7.45 0.66 -22.06
N GLU B 84 -7.28 0.84 -20.76
CA GLU B 84 -5.94 0.99 -20.21
C GLU B 84 -5.12 -0.29 -20.42
N LEU B 85 -5.72 -1.43 -20.11
CA LEU B 85 -5.04 -2.71 -20.26
C LEU B 85 -4.67 -2.97 -21.72
N LEU B 86 -5.56 -2.59 -22.62
CA LEU B 86 -5.33 -2.78 -24.05
C LEU B 86 -4.16 -1.94 -24.54
N SER B 87 -3.99 -0.75 -23.97
CA SER B 87 -2.92 0.12 -24.40
C SER B 87 -1.53 -0.46 -24.14
N VAL B 88 -1.43 -1.39 -23.19
CA VAL B 88 -0.14 -1.99 -22.88
C VAL B 88 0.08 -3.31 -23.63
N LEU B 89 -0.86 -3.67 -24.49
CA LEU B 89 -0.72 -4.89 -25.26
C LEU B 89 -0.27 -4.57 -26.68
N PRO B 90 0.57 -5.45 -27.26
CA PRO B 90 1.04 -5.18 -28.62
C PRO B 90 -0.13 -4.92 -29.58
N ALA B 91 0.13 -4.14 -30.62
CA ALA B 91 -0.90 -3.79 -31.60
C ALA B 91 -1.42 -5.06 -32.29
N GLY B 92 -2.69 -5.01 -32.73
CA GLY B 92 -3.28 -6.15 -33.40
C GLY B 92 -4.65 -6.53 -32.86
N PRO B 93 -5.18 -7.71 -33.24
CA PRO B 93 -6.49 -8.19 -32.79
C PRO B 93 -6.62 -8.26 -31.25
N ALA B 94 -7.45 -7.40 -30.70
CA ALA B 94 -7.65 -7.37 -29.25
C ALA B 94 -8.35 -8.64 -28.79
N PRO B 95 -8.23 -8.96 -27.49
CA PRO B 95 -8.87 -10.17 -26.95
C PRO B 95 -10.39 -10.13 -27.02
N GLU B 96 -11.01 -11.30 -27.10
CA GLU B 96 -12.46 -11.44 -27.17
C GLU B 96 -13.13 -10.97 -25.87
N GLY B 97 -12.76 -11.60 -24.76
CA GLY B 97 -13.35 -11.21 -23.50
C GLY B 97 -12.31 -10.94 -22.43
N ASP B 98 -12.75 -10.88 -21.19
CA ASP B 98 -11.88 -10.59 -20.06
C ASP B 98 -10.88 -11.73 -19.76
N ALA B 99 -11.27 -12.97 -20.00
CA ALA B 99 -10.38 -14.11 -19.75
C ALA B 99 -9.17 -14.00 -20.69
N GLU B 100 -9.44 -13.72 -21.96
CA GLU B 100 -8.37 -13.58 -22.94
C GLU B 100 -7.53 -12.35 -22.64
N LEU B 101 -8.15 -11.32 -22.11
CA LEU B 101 -7.43 -10.09 -21.78
C LEU B 101 -6.40 -10.45 -20.71
N VAL B 102 -6.84 -11.18 -19.68
CA VAL B 102 -5.95 -11.60 -18.60
C VAL B 102 -4.83 -12.48 -19.14
N LEU B 103 -5.17 -13.43 -20.00
CA LEU B 103 -4.18 -14.33 -20.54
C LEU B 103 -3.08 -13.60 -21.32
N ARG B 104 -3.47 -12.65 -22.16
CA ARG B 104 -2.49 -11.89 -22.94
C ARG B 104 -1.63 -11.09 -21.96
N LEU B 105 -2.24 -10.57 -20.90
CA LEU B 105 -1.53 -9.80 -19.89
C LEU B 105 -0.52 -10.65 -19.13
N LEU B 106 -0.89 -11.91 -18.87
CA LEU B 106 -0.01 -12.84 -18.15
C LEU B 106 1.21 -13.15 -19.00
N GLU B 107 1.01 -13.19 -20.31
CA GLU B 107 2.09 -13.49 -21.23
C GLU B 107 3.11 -12.36 -21.23
N ARG B 108 2.69 -11.18 -20.81
CA ARG B 108 3.63 -10.06 -20.79
C ARG B 108 4.25 -9.73 -19.44
N TYR B 109 3.45 -9.80 -18.38
CA TYR B 109 3.95 -9.46 -17.06
C TYR B 109 4.09 -10.66 -16.13
N ASP B 110 3.49 -11.79 -16.55
CA ASP B 110 3.26 -12.94 -15.65
C ASP B 110 2.45 -12.45 -14.48
N LEU B 111 2.30 -13.14 -13.40
CA LEU B 111 1.47 -12.91 -12.26
C LEU B 111 1.39 -11.44 -11.91
N HIS B 112 2.32 -10.64 -12.38
CA HIS B 112 2.30 -9.20 -12.06
C HIS B 112 1.17 -8.52 -12.81
N ALA B 113 0.56 -9.27 -13.74
CA ALA B 113 -0.54 -8.74 -14.54
C ALA B 113 -1.68 -8.28 -13.66
N PHE B 114 -1.86 -8.97 -12.54
CA PHE B 114 -2.94 -8.65 -11.62
C PHE B 114 -2.74 -7.35 -10.86
N ARG B 115 -1.53 -6.79 -10.91
CA ARG B 115 -1.28 -5.52 -10.23
C ARG B 115 -1.86 -4.38 -11.07
N LEU B 116 -2.15 -4.66 -12.34
CA LEU B 116 -2.68 -3.68 -13.29
C LEU B 116 -4.19 -3.70 -13.46
N VAL B 117 -4.79 -4.83 -13.11
CA VAL B 117 -6.22 -5.00 -13.28
C VAL B 117 -7.13 -4.41 -12.23
N ASN B 118 -8.04 -3.56 -12.70
CA ASN B 118 -9.05 -2.94 -11.85
C ASN B 118 -10.39 -3.51 -12.30
N GLY B 119 -10.89 -4.50 -11.57
CA GLY B 119 -12.17 -5.10 -11.93
C GLY B 119 -12.90 -5.77 -10.78
N ARG B 120 -13.87 -6.61 -11.13
CA ARG B 120 -14.67 -7.36 -10.16
C ARG B 120 -14.60 -8.76 -10.71
N PHE B 121 -13.61 -9.53 -10.23
CA PHE B 121 -13.42 -10.88 -10.76
C PHE B 121 -12.62 -11.83 -9.84
N ALA B 122 -12.64 -13.11 -10.21
CA ALA B 122 -11.87 -14.17 -9.55
C ALA B 122 -11.44 -15.02 -10.75
N THR B 123 -10.20 -15.47 -10.77
CA THR B 123 -9.74 -16.25 -11.91
C THR B 123 -8.84 -17.42 -11.53
N VAL B 124 -8.78 -18.41 -12.42
CA VAL B 124 -7.93 -19.59 -12.20
C VAL B 124 -7.30 -19.94 -13.53
N VAL B 125 -6.00 -20.16 -13.53
CA VAL B 125 -5.32 -20.50 -14.76
C VAL B 125 -4.34 -21.62 -14.51
N ARG B 126 -4.28 -22.54 -15.45
CA ARG B 126 -3.35 -23.68 -15.36
C ARG B 126 -2.40 -23.65 -16.55
N THR B 127 -1.11 -23.71 -16.27
CA THR B 127 -0.08 -23.72 -17.30
C THR B 127 0.82 -24.89 -16.95
N GLY B 128 0.60 -26.03 -17.58
CA GLY B 128 1.40 -27.20 -17.28
C GLY B 128 1.01 -27.66 -15.88
N ASP B 129 1.98 -27.78 -14.98
CA ASP B 129 1.67 -28.19 -13.62
C ASP B 129 1.74 -27.01 -12.66
N ARG B 130 1.60 -25.82 -13.22
CA ARG B 130 1.61 -24.59 -12.44
C ARG B 130 0.16 -24.09 -12.42
N VAL B 131 -0.32 -23.68 -11.25
CA VAL B 131 -1.69 -23.18 -11.13
C VAL B 131 -1.71 -21.81 -10.44
N LEU B 132 -2.35 -20.83 -11.04
CA LEU B 132 -2.44 -19.51 -10.44
C LEU B 132 -3.88 -19.22 -10.02
N LEU B 133 -4.05 -18.56 -8.88
CA LEU B 133 -5.36 -18.18 -8.39
C LEU B 133 -5.26 -16.69 -8.09
N ALA B 134 -6.22 -15.89 -8.53
CA ALA B 134 -6.16 -14.47 -8.25
C ALA B 134 -7.52 -13.84 -8.00
N THR B 135 -7.56 -12.86 -7.10
CA THR B 135 -8.78 -12.14 -6.75
C THR B 135 -8.59 -10.70 -7.23
N ASP B 136 -9.63 -9.87 -7.14
CA ASP B 136 -9.48 -8.47 -7.52
C ASP B 136 -8.89 -7.74 -6.31
N HIS B 137 -8.60 -6.45 -6.44
CA HIS B 137 -7.97 -5.68 -5.37
C HIS B 137 -8.64 -5.77 -4.01
N ALA B 138 -9.96 -5.87 -4.02
CA ALA B 138 -10.73 -5.94 -2.80
C ALA B 138 -11.32 -7.32 -2.55
N GLY B 139 -11.00 -8.28 -3.41
CA GLY B 139 -11.56 -9.61 -3.24
C GLY B 139 -13.08 -9.53 -3.27
N SER B 140 -13.62 -8.63 -4.10
CA SER B 140 -15.07 -8.45 -4.20
C SER B 140 -15.81 -9.69 -4.69
N VAL B 141 -15.07 -10.58 -5.34
CA VAL B 141 -15.63 -11.85 -5.84
C VAL B 141 -14.89 -12.97 -5.10
N PRO B 142 -15.48 -13.49 -4.03
CA PRO B 142 -14.87 -14.57 -3.23
C PRO B 142 -14.28 -15.74 -4.00
N LEU B 143 -13.08 -16.15 -3.59
CA LEU B 143 -12.39 -17.27 -4.22
C LEU B 143 -11.88 -18.19 -3.11
N TYR B 144 -12.27 -19.46 -3.19
CA TYR B 144 -11.87 -20.45 -2.20
C TYR B 144 -11.06 -21.53 -2.92
N THR B 145 -10.31 -22.33 -2.16
CA THR B 145 -9.51 -23.39 -2.75
C THR B 145 -9.13 -24.51 -1.77
N CYS B 146 -8.87 -25.68 -2.34
CA CYS B 146 -8.45 -26.86 -1.60
C CYS B 146 -7.21 -27.31 -2.36
N VAL B 147 -6.04 -27.09 -1.78
CA VAL B 147 -4.79 -27.47 -2.42
C VAL B 147 -4.09 -28.59 -1.66
N ALA B 148 -3.63 -29.60 -2.39
CA ALA B 148 -2.90 -30.73 -1.81
C ALA B 148 -1.99 -31.23 -2.92
N PRO B 149 -0.89 -31.93 -2.57
CA PRO B 149 0.04 -32.45 -3.56
C PRO B 149 -0.71 -33.18 -4.68
N GLY B 150 -0.49 -32.74 -5.91
CA GLY B 150 -1.16 -33.37 -7.05
C GLY B 150 -2.57 -32.91 -7.35
N GLU B 151 -3.16 -32.06 -6.51
CA GLU B 151 -4.51 -31.61 -6.79
C GLU B 151 -4.86 -30.23 -6.26
N VAL B 152 -5.47 -29.44 -7.13
CA VAL B 152 -5.87 -28.10 -6.76
C VAL B 152 -7.33 -27.90 -7.17
N ARG B 153 -8.17 -27.54 -6.20
CA ARG B 153 -9.58 -27.27 -6.47
C ARG B 153 -9.84 -25.82 -6.10
N ALA B 154 -10.57 -25.12 -6.96
CA ALA B 154 -10.86 -23.71 -6.74
C ALA B 154 -12.30 -23.39 -7.10
N SER B 155 -12.99 -22.68 -6.21
CA SER B 155 -14.38 -22.35 -6.45
C SER B 155 -14.74 -20.97 -5.95
N THR B 156 -15.73 -20.37 -6.60
CA THR B 156 -16.19 -19.06 -6.22
C THR B 156 -17.15 -19.14 -5.04
N GLU B 157 -17.42 -20.37 -4.58
CA GLU B 157 -18.29 -20.58 -3.42
C GLU B 157 -17.68 -21.68 -2.57
N ALA B 158 -17.58 -21.44 -1.27
CA ALA B 158 -17.00 -22.41 -0.35
C ALA B 158 -17.84 -23.69 -0.29
N LYS B 159 -19.16 -23.52 -0.38
CA LYS B 159 -20.09 -24.65 -0.31
C LYS B 159 -19.85 -25.66 -1.43
N ALA B 160 -19.45 -25.18 -2.60
CA ALA B 160 -19.21 -26.08 -3.72
C ALA B 160 -18.00 -26.96 -3.42
N LEU B 161 -17.12 -26.50 -2.54
CA LEU B 161 -15.93 -27.28 -2.19
C LEU B 161 -16.22 -28.23 -1.03
N ALA B 162 -17.09 -27.82 -0.13
CA ALA B 162 -17.43 -28.62 1.04
C ALA B 162 -18.46 -29.72 0.72
N ALA B 163 -19.28 -29.49 -0.30
CA ALA B 163 -20.29 -30.44 -0.71
C ALA B 163 -19.65 -31.76 -1.11
N HIS B 164 -18.34 -31.73 -1.32
CA HIS B 164 -17.62 -32.94 -1.72
C HIS B 164 -17.26 -33.82 -0.51
N ARG B 165 -16.60 -34.94 -0.80
CA ARG B 165 -16.20 -35.89 0.23
C ARG B 165 -14.88 -35.52 0.90
N ASP B 166 -14.96 -35.00 2.13
CA ASP B 166 -13.77 -34.61 2.88
C ASP B 166 -12.79 -33.80 2.04
N PRO B 167 -13.01 -32.48 1.93
CA PRO B 167 -12.15 -31.60 1.15
C PRO B 167 -10.66 -31.74 1.47
N LYS B 168 -9.86 -31.91 0.44
CA LYS B 168 -8.41 -32.06 0.57
C LYS B 168 -7.72 -30.71 0.44
N GLY B 169 -7.91 -29.87 1.47
CA GLY B 169 -7.30 -28.56 1.46
C GLY B 169 -6.44 -28.35 2.68
N PHE B 170 -5.24 -27.83 2.45
CA PHE B 170 -4.31 -27.59 3.53
C PHE B 170 -3.77 -26.16 3.46
N PRO B 171 -3.25 -25.65 4.59
CA PRO B 171 -2.70 -24.29 4.74
C PRO B 171 -1.82 -23.76 3.62
N LEU B 172 -2.10 -22.52 3.22
CA LEU B 172 -1.38 -21.85 2.16
C LEU B 172 -1.01 -20.44 2.62
N ALA B 173 0.09 -19.98 2.07
CA ALA B 173 0.57 -18.63 2.40
C ALA B 173 -0.33 -17.48 2.06
N ASP B 174 -0.64 -16.85 3.21
CA ASP B 174 -1.59 -15.80 3.30
C ASP B 174 -3.02 -16.19 2.84
N ALA B 175 -3.29 -17.49 2.83
CA ALA B 175 -4.70 -18.06 2.67
C ALA B 175 -5.20 -18.54 4.05
N ARG B 176 -6.43 -18.21 4.44
CA ARG B 176 -6.97 -18.54 5.76
C ARG B 176 -8.08 -19.58 5.71
N ARG B 177 -8.00 -20.54 6.63
CA ARG B 177 -8.96 -21.61 6.70
C ARG B 177 -10.32 -21.04 7.07
N VAL B 178 -11.35 -21.58 6.45
CA VAL B 178 -12.72 -21.14 6.67
C VAL B 178 -13.30 -21.87 7.87
N ALA B 179 -13.65 -21.09 8.89
CA ALA B 179 -14.23 -21.59 10.12
C ALA B 179 -15.54 -22.33 9.84
N GLY B 180 -15.71 -23.48 10.50
CA GLY B 180 -16.91 -24.25 10.31
C GLY B 180 -16.77 -25.31 9.23
N LEU B 181 -15.74 -25.19 8.42
CA LEU B 181 -15.50 -26.16 7.35
C LEU B 181 -14.10 -26.75 7.55
N THR B 182 -13.77 -27.81 6.79
CA THR B 182 -12.44 -28.40 6.89
C THR B 182 -11.87 -28.61 5.49
N GLY B 183 -10.61 -28.23 5.30
CA GLY B 183 -10.01 -28.39 3.99
C GLY B 183 -10.32 -27.24 3.04
N VAL B 184 -11.03 -26.23 3.50
CA VAL B 184 -11.34 -25.10 2.62
C VAL B 184 -10.66 -23.80 3.06
N TYR B 185 -9.90 -23.21 2.16
CA TYR B 185 -9.22 -21.95 2.46
C TYR B 185 -9.68 -20.84 1.52
N GLN B 186 -9.73 -19.61 2.03
CA GLN B 186 -10.15 -18.48 1.22
C GLN B 186 -8.95 -17.72 0.67
N VAL B 187 -8.90 -17.51 -0.63
CA VAL B 187 -7.79 -16.75 -1.21
C VAL B 187 -7.97 -15.30 -0.72
N PRO B 188 -6.88 -14.61 -0.38
CA PRO B 188 -6.93 -13.23 0.11
C PRO B 188 -7.30 -12.21 -0.98
N ALA B 189 -7.89 -11.09 -0.57
CA ALA B 189 -8.25 -10.03 -1.51
C ALA B 189 -6.94 -9.46 -2.08
N GLY B 190 -6.98 -8.92 -3.29
CA GLY B 190 -5.77 -8.35 -3.89
C GLY B 190 -4.53 -9.22 -3.81
N ALA B 191 -4.60 -10.38 -4.42
CA ALA B 191 -3.46 -11.27 -4.36
C ALA B 191 -3.49 -12.29 -5.47
N VAL B 192 -2.33 -12.85 -5.76
CA VAL B 192 -2.25 -13.90 -6.73
C VAL B 192 -1.41 -15.01 -6.09
N MET B 193 -1.92 -16.23 -6.11
CA MET B 193 -1.23 -17.37 -5.53
C MET B 193 -0.60 -18.20 -6.65
N ASP B 194 0.69 -18.43 -6.55
CA ASP B 194 1.44 -19.21 -7.54
C ASP B 194 1.60 -20.61 -6.98
N ILE B 195 0.87 -21.58 -7.54
CA ILE B 195 0.93 -22.94 -7.02
C ILE B 195 1.66 -24.01 -7.84
N ASP B 196 2.50 -24.78 -7.15
CA ASP B 196 3.21 -25.87 -7.79
C ASP B 196 2.31 -27.10 -7.57
N LEU B 197 1.54 -27.45 -8.60
CA LEU B 197 0.60 -28.55 -8.55
C LEU B 197 1.13 -29.84 -7.92
N GLY B 198 2.37 -30.20 -8.28
CA GLY B 198 2.97 -31.41 -7.77
C GLY B 198 3.24 -31.45 -6.29
N SER B 199 3.88 -30.41 -5.77
CA SER B 199 4.23 -30.33 -4.36
C SER B 199 3.06 -29.88 -3.48
N GLY B 200 2.11 -29.18 -4.09
CA GLY B 200 0.97 -28.71 -3.33
C GLY B 200 1.34 -27.52 -2.48
N THR B 201 2.44 -26.84 -2.84
CA THR B 201 2.87 -25.66 -2.10
C THR B 201 2.64 -24.43 -2.98
N ALA B 202 2.63 -23.27 -2.35
CA ALA B 202 2.39 -22.06 -3.10
C ALA B 202 3.05 -20.83 -2.51
N VAL B 203 3.22 -19.82 -3.35
CA VAL B 203 3.79 -18.54 -2.94
C VAL B 203 2.72 -17.52 -3.29
N THR B 204 2.34 -16.70 -2.33
CA THR B 204 1.31 -15.70 -2.56
C THR B 204 1.90 -14.32 -2.72
N HIS B 205 1.40 -13.55 -3.69
CA HIS B 205 1.88 -12.20 -3.92
C HIS B 205 0.71 -11.23 -3.78
N ARG B 206 0.87 -10.21 -2.94
CA ARG B 206 -0.21 -9.24 -2.79
C ARG B 206 -0.10 -8.27 -3.95
N THR B 207 -1.25 -7.98 -4.56
CA THR B 207 -1.29 -7.10 -5.73
C THR B 207 -1.92 -5.76 -5.46
N TRP B 208 -2.27 -5.55 -4.20
CA TRP B 208 -2.88 -4.30 -3.76
C TRP B 208 -3.05 -4.36 -2.26
N THR B 209 -2.88 -3.22 -1.62
CA THR B 209 -3.07 -3.14 -0.19
C THR B 209 -3.57 -1.71 0.04
N PRO B 210 -4.43 -1.51 1.04
CA PRO B 210 -4.96 -0.17 1.34
C PRO B 210 -3.87 0.80 1.70
N GLY B 211 -3.98 2.02 1.18
CA GLY B 211 -2.98 3.03 1.49
C GLY B 211 -2.98 3.38 2.97
N LEU B 212 -1.81 3.63 3.54
CA LEU B 212 -1.72 3.95 4.97
C LEU B 212 -1.42 5.44 5.18
N SER B 213 -0.86 6.06 4.15
CA SER B 213 -0.53 7.49 4.17
C SER B 213 -1.73 8.28 3.66
N ARG B 214 -1.67 9.60 3.82
CA ARG B 214 -2.74 10.49 3.36
C ARG B 214 -2.08 11.58 2.52
N ARG B 215 -2.73 11.96 1.43
CA ARG B 215 -2.21 13.00 0.55
C ARG B 215 -3.07 14.26 0.52
N ILE B 216 -2.51 15.36 1.01
CA ILE B 216 -3.25 16.62 1.03
C ILE B 216 -3.30 17.17 -0.39
N LEU B 217 -4.49 17.55 -0.83
CA LEU B 217 -4.70 18.09 -2.16
C LEU B 217 -5.53 19.37 -2.07
N PRO B 218 -5.32 20.32 -3.00
CA PRO B 218 -6.12 21.54 -2.93
C PRO B 218 -7.58 21.10 -2.87
N GLU B 219 -8.29 21.53 -1.84
CA GLU B 219 -9.68 21.15 -1.64
C GLU B 219 -10.58 21.20 -2.86
N GLY B 220 -10.44 22.24 -3.67
CA GLY B 220 -11.24 22.35 -4.87
C GLY B 220 -10.97 21.20 -5.82
N GLU B 221 -9.70 20.85 -5.98
CA GLU B 221 -9.30 19.75 -6.86
C GLU B 221 -9.66 18.39 -6.26
N ALA B 222 -9.67 18.29 -4.93
CA ALA B 222 -9.97 17.02 -4.30
C ALA B 222 -11.42 16.64 -4.54
N VAL B 223 -12.32 17.60 -4.31
CA VAL B 223 -13.74 17.36 -4.49
C VAL B 223 -14.04 17.00 -5.94
N ALA B 224 -13.40 17.72 -6.86
CA ALA B 224 -13.59 17.47 -8.30
C ALA B 224 -13.04 16.10 -8.69
N ALA B 225 -11.93 15.69 -8.08
CA ALA B 225 -11.32 14.41 -8.38
C ALA B 225 -12.23 13.28 -7.91
N VAL B 226 -12.94 13.51 -6.82
CA VAL B 226 -13.87 12.52 -6.30
C VAL B 226 -15.01 12.32 -7.30
N ARG B 227 -15.54 13.42 -7.82
CA ARG B 227 -16.62 13.37 -8.81
C ARG B 227 -16.16 12.68 -10.09
N ALA B 228 -15.00 13.09 -10.59
CA ALA B 228 -14.47 12.48 -11.81
C ALA B 228 -14.22 10.98 -11.60
N ALA B 229 -13.60 10.61 -10.48
CA ALA B 229 -13.33 9.20 -10.21
C ALA B 229 -14.60 8.36 -10.20
N LEU B 230 -15.61 8.80 -9.45
CA LEU B 230 -16.87 8.07 -9.37
C LEU B 230 -17.58 8.02 -10.73
N GLU B 231 -17.59 9.17 -11.40
CA GLU B 231 -18.21 9.31 -12.71
C GLU B 231 -17.59 8.26 -13.65
N LYS B 232 -16.29 8.06 -13.56
CA LYS B 232 -15.61 7.09 -14.40
C LYS B 232 -15.88 5.65 -13.96
N ALA B 233 -15.79 5.39 -12.66
CA ALA B 233 -16.04 4.05 -12.11
C ALA B 233 -17.42 3.54 -12.52
N VAL B 234 -18.42 4.43 -12.46
CA VAL B 234 -19.80 4.12 -12.83
C VAL B 234 -19.96 3.86 -14.34
N ALA B 235 -19.33 4.70 -15.16
CA ALA B 235 -19.40 4.54 -16.61
C ALA B 235 -18.78 3.20 -17.04
N GLN B 236 -17.74 2.78 -16.33
CA GLN B 236 -17.07 1.52 -16.65
C GLN B 236 -17.98 0.32 -16.37
N ARG B 237 -18.87 0.50 -15.40
CA ARG B 237 -19.81 -0.53 -14.97
C ARG B 237 -21.16 -0.54 -15.70
N VAL B 238 -21.34 0.38 -16.64
CA VAL B 238 -22.59 0.44 -17.40
C VAL B 238 -22.35 -0.12 -18.80
N THR B 239 -23.28 -0.95 -19.25
CA THR B 239 -23.18 -1.58 -20.57
C THR B 239 -23.86 -0.71 -21.60
N PRO B 240 -23.15 -0.36 -22.69
CA PRO B 240 -23.77 0.46 -23.72
C PRO B 240 -24.96 -0.22 -24.37
N GLY B 241 -26.05 0.53 -24.53
CA GLY B 241 -27.25 -0.04 -25.13
C GLY B 241 -28.13 -0.66 -24.07
N ASP B 242 -27.69 -0.64 -22.83
CA ASP B 242 -28.46 -1.22 -21.72
C ASP B 242 -28.60 -0.24 -20.57
N THR B 243 -29.83 -0.06 -20.09
CA THR B 243 -30.07 0.84 -18.98
C THR B 243 -29.92 0.06 -17.69
N PRO B 244 -29.01 0.50 -16.81
CA PRO B 244 -28.76 -0.18 -15.54
C PRO B 244 -29.81 0.11 -14.48
N LEU B 245 -29.82 -0.72 -13.45
CA LEU B 245 -30.75 -0.58 -12.35
C LEU B 245 -29.93 -0.11 -11.14
N VAL B 246 -30.43 0.88 -10.41
CA VAL B 246 -29.69 1.33 -9.24
C VAL B 246 -30.52 1.20 -7.96
N VAL B 247 -29.97 0.50 -6.99
CA VAL B 247 -30.66 0.35 -5.71
C VAL B 247 -30.52 1.73 -5.07
N LEU B 248 -31.65 2.39 -4.83
CA LEU B 248 -31.65 3.74 -4.28
C LEU B 248 -32.31 3.79 -2.92
N SER B 249 -31.62 4.37 -1.94
CA SER B 249 -32.18 4.47 -0.61
C SER B 249 -32.54 5.91 -0.29
N GLY B 250 -31.92 6.85 -0.97
CA GLY B 250 -32.19 8.25 -0.69
C GLY B 250 -31.00 8.92 -0.02
N GLY B 251 -30.05 8.10 0.44
CA GLY B 251 -28.85 8.63 1.06
C GLY B 251 -27.93 9.17 -0.02
N ILE B 252 -26.88 9.88 0.38
CA ILE B 252 -25.95 10.46 -0.59
C ILE B 252 -25.21 9.40 -1.40
N ASP B 253 -24.86 8.29 -0.76
CA ASP B 253 -24.14 7.22 -1.44
C ASP B 253 -24.83 6.69 -2.70
N SER B 254 -26.02 6.12 -2.55
CA SER B 254 -26.76 5.58 -3.68
C SER B 254 -27.25 6.68 -4.64
N SER B 255 -27.43 7.88 -4.11
CA SER B 255 -27.88 9.01 -4.93
C SER B 255 -26.77 9.47 -5.86
N GLY B 256 -25.55 9.46 -5.33
CA GLY B 256 -24.40 9.88 -6.12
C GLY B 256 -24.23 8.94 -7.32
N VAL B 257 -24.27 7.63 -7.05
CA VAL B 257 -24.15 6.63 -8.10
C VAL B 257 -25.27 6.81 -9.14
N ALA B 258 -26.51 6.99 -8.66
CA ALA B 258 -27.65 7.17 -9.55
C ALA B 258 -27.43 8.37 -10.49
N ALA B 259 -26.98 9.49 -9.95
CA ALA B 259 -26.74 10.68 -10.75
C ALA B 259 -25.67 10.39 -11.81
N CYS B 260 -24.61 9.68 -11.42
CA CYS B 260 -23.55 9.34 -12.36
C CYS B 260 -24.05 8.34 -13.40
N ALA B 261 -24.78 7.33 -12.94
CA ALA B 261 -25.33 6.30 -13.81
C ALA B 261 -26.27 6.88 -14.85
N HIS B 262 -27.19 7.74 -14.40
CA HIS B 262 -28.13 8.36 -15.32
C HIS B 262 -27.33 9.06 -16.42
N ARG B 263 -26.31 9.82 -16.01
CA ARG B 263 -25.47 10.53 -16.98
C ARG B 263 -24.83 9.56 -17.98
N ALA B 264 -24.39 8.40 -17.48
CA ALA B 264 -23.75 7.40 -18.33
C ALA B 264 -24.70 6.66 -19.25
N ALA B 265 -25.95 6.46 -18.84
CA ALA B 265 -26.87 5.72 -19.68
C ALA B 265 -27.86 6.58 -20.47
N GLY B 266 -28.02 7.84 -20.09
CA GLY B 266 -28.96 8.71 -20.78
C GLY B 266 -30.33 8.58 -20.14
N GLU B 267 -30.47 7.55 -19.31
CA GLU B 267 -31.71 7.24 -18.59
C GLU B 267 -31.35 6.25 -17.48
N LEU B 268 -32.28 5.96 -16.58
CA LEU B 268 -31.98 5.06 -15.48
C LEU B 268 -33.19 4.41 -14.80
N ASP B 269 -32.95 3.27 -14.19
CA ASP B 269 -33.98 2.56 -13.45
C ASP B 269 -33.53 2.59 -12.01
N THR B 270 -34.49 2.71 -11.10
CA THR B 270 -34.18 2.75 -9.67
C THR B 270 -35.21 1.91 -8.94
N VAL B 271 -34.80 1.36 -7.81
CA VAL B 271 -35.67 0.54 -7.01
C VAL B 271 -35.34 0.79 -5.55
N SER B 272 -36.38 0.91 -4.73
CA SER B 272 -36.20 1.13 -3.30
C SER B 272 -36.97 0.02 -2.61
N MET B 273 -36.46 -0.43 -1.46
CA MET B 273 -37.10 -1.50 -0.70
C MET B 273 -37.47 -0.98 0.69
N GLY B 274 -38.66 -1.33 1.14
CA GLY B 274 -39.11 -0.90 2.45
C GLY B 274 -39.90 -1.98 3.15
N THR B 275 -40.06 -1.82 4.46
CA THR B 275 -40.80 -2.79 5.24
C THR B 275 -42.06 -2.17 5.84
N ASP B 276 -42.83 -3.03 6.50
CA ASP B 276 -44.07 -2.63 7.14
C ASP B 276 -43.77 -1.88 8.43
N THR B 277 -42.51 -1.53 8.63
CA THR B 277 -42.13 -0.82 9.84
C THR B 277 -41.43 0.49 9.53
N SER B 278 -40.63 0.50 8.45
CA SER B 278 -39.90 1.71 8.07
C SER B 278 -39.48 1.68 6.60
N ASN B 279 -39.23 2.87 6.06
CA ASN B 279 -38.81 2.99 4.67
C ASN B 279 -38.21 4.36 4.42
N GLU B 280 -37.62 4.53 3.24
CA GLU B 280 -37.01 5.79 2.85
C GLU B 280 -37.57 6.18 1.49
N PHE B 281 -38.83 5.83 1.25
CA PHE B 281 -39.48 6.12 -0.03
C PHE B 281 -39.54 7.60 -0.38
N ARG B 282 -39.94 8.42 0.57
CA ARG B 282 -40.04 9.84 0.31
C ARG B 282 -38.68 10.45 -0.05
N GLU B 283 -37.63 10.08 0.70
CA GLU B 283 -36.30 10.61 0.42
C GLU B 283 -35.80 10.16 -0.95
N ALA B 284 -36.06 8.90 -1.28
CA ALA B 284 -35.65 8.35 -2.56
C ALA B 284 -36.42 9.00 -3.73
N ARG B 285 -37.71 9.30 -3.54
CA ARG B 285 -38.47 9.91 -4.63
C ARG B 285 -37.94 11.28 -5.01
N ALA B 286 -37.32 11.98 -4.06
CA ALA B 286 -36.76 13.29 -4.36
C ALA B 286 -35.71 13.14 -5.46
N VAL B 287 -34.95 12.06 -5.41
CA VAL B 287 -33.90 11.82 -6.41
C VAL B 287 -34.54 11.30 -7.69
N VAL B 288 -35.54 10.46 -7.53
CA VAL B 288 -36.26 9.91 -8.67
C VAL B 288 -36.83 11.05 -9.51
N ASP B 289 -37.48 12.00 -8.86
CA ASP B 289 -38.08 13.14 -9.55
C ASP B 289 -37.03 14.07 -10.13
N HIS B 290 -35.94 14.27 -9.40
CA HIS B 290 -34.87 15.15 -9.85
C HIS B 290 -34.18 14.56 -11.07
N LEU B 291 -34.00 13.24 -11.08
CA LEU B 291 -33.35 12.55 -12.18
C LEU B 291 -34.32 12.00 -13.23
N ARG B 292 -35.60 11.98 -12.90
CA ARG B 292 -36.62 11.45 -13.82
C ARG B 292 -36.28 10.01 -14.20
N THR B 293 -36.13 9.15 -13.20
CA THR B 293 -35.81 7.74 -13.46
C THR B 293 -37.09 6.92 -13.39
N ARG B 294 -37.00 5.66 -13.84
CA ARG B 294 -38.11 4.72 -13.78
C ARG B 294 -37.90 4.04 -12.44
N HIS B 295 -38.78 4.34 -11.49
CA HIS B 295 -38.69 3.85 -10.12
C HIS B 295 -39.73 2.80 -9.72
N ARG B 296 -39.31 1.90 -8.84
CA ARG B 296 -40.22 0.89 -8.36
C ARG B 296 -40.01 0.80 -6.86
N GLU B 297 -41.10 0.80 -6.11
CA GLU B 297 -41.00 0.68 -4.66
C GLU B 297 -41.49 -0.69 -4.27
N ILE B 298 -40.70 -1.37 -3.44
CA ILE B 298 -41.04 -2.70 -2.97
C ILE B 298 -41.20 -2.69 -1.46
N THR B 299 -42.34 -3.18 -0.99
CA THR B 299 -42.62 -3.23 0.45
C THR B 299 -42.80 -4.69 0.85
N ILE B 300 -42.13 -5.11 1.91
CA ILE B 300 -42.28 -6.49 2.39
C ILE B 300 -42.40 -6.49 3.91
N PRO B 301 -43.16 -7.44 4.46
CA PRO B 301 -43.31 -7.48 5.92
C PRO B 301 -41.97 -7.77 6.58
N THR B 302 -41.77 -7.24 7.79
CA THR B 302 -40.54 -7.46 8.52
C THR B 302 -40.25 -8.95 8.71
N THR B 303 -41.31 -9.74 8.84
CA THR B 303 -41.14 -11.18 9.01
C THR B 303 -40.55 -11.81 7.75
N GLU B 304 -40.85 -11.23 6.59
CA GLU B 304 -40.33 -11.75 5.32
C GLU B 304 -38.86 -11.36 5.14
N LEU B 305 -38.50 -10.19 5.65
CA LEU B 305 -37.15 -9.69 5.58
C LEU B 305 -36.25 -10.59 6.43
N LEU B 306 -36.69 -10.86 7.66
CA LEU B 306 -35.94 -11.71 8.57
C LEU B 306 -35.90 -13.13 8.03
N ALA B 307 -36.89 -13.44 7.20
CA ALA B 307 -36.95 -14.77 6.60
C ALA B 307 -35.74 -14.96 5.67
N GLN B 308 -35.10 -13.86 5.31
CA GLN B 308 -33.93 -13.89 4.43
C GLN B 308 -32.64 -14.25 5.19
N LEU B 309 -32.73 -14.45 6.50
CA LEU B 309 -31.54 -14.78 7.30
C LEU B 309 -30.74 -15.95 6.75
N PRO B 310 -31.38 -17.10 6.48
CA PRO B 310 -30.64 -18.26 5.95
C PRO B 310 -30.06 -18.02 4.55
N TYR B 311 -30.81 -17.32 3.70
CA TYR B 311 -30.33 -17.04 2.35
C TYR B 311 -29.08 -16.16 2.35
N ALA B 312 -29.09 -15.14 3.21
CA ALA B 312 -27.98 -14.20 3.33
C ALA B 312 -26.69 -14.90 3.75
N VAL B 313 -26.78 -15.79 4.73
CA VAL B 313 -25.62 -16.55 5.22
C VAL B 313 -25.18 -17.53 4.14
N TRP B 314 -26.16 -18.13 3.46
CA TRP B 314 -25.91 -19.09 2.38
C TRP B 314 -25.14 -18.47 1.21
N ALA B 315 -25.60 -17.30 0.77
CA ALA B 315 -25.01 -16.61 -0.36
C ALA B 315 -23.67 -15.92 -0.05
N SER B 316 -23.60 -15.24 1.08
CA SER B 316 -22.36 -14.54 1.44
C SER B 316 -21.38 -15.46 2.12
N GLU B 317 -21.88 -16.57 2.66
CA GLU B 317 -20.99 -17.51 3.33
C GLU B 317 -20.18 -16.80 4.41
N SER B 318 -20.81 -15.82 5.07
CA SER B 318 -20.19 -15.04 6.13
C SER B 318 -20.82 -15.37 7.48
N VAL B 319 -20.02 -15.31 8.54
CA VAL B 319 -20.54 -15.59 9.88
C VAL B 319 -20.57 -14.34 10.74
N ASP B 320 -20.44 -13.18 10.10
CA ASP B 320 -20.48 -11.93 10.85
C ASP B 320 -21.90 -11.41 10.91
N PRO B 321 -22.52 -11.47 12.11
CA PRO B 321 -23.89 -11.00 12.31
C PRO B 321 -24.14 -9.57 11.84
N ASP B 322 -23.14 -8.70 12.01
CA ASP B 322 -23.30 -7.31 11.56
C ASP B 322 -23.52 -7.24 10.06
N ILE B 323 -22.60 -7.83 9.31
CA ILE B 323 -22.67 -7.85 7.85
C ILE B 323 -23.97 -8.50 7.37
N ILE B 324 -24.33 -9.61 8.02
CA ILE B 324 -25.55 -10.32 7.68
C ILE B 324 -26.73 -9.36 7.76
N GLU B 325 -26.71 -8.48 8.76
CA GLU B 325 -27.79 -7.50 8.91
C GLU B 325 -27.87 -6.56 7.72
N TYR B 326 -26.71 -6.06 7.29
CA TYR B 326 -26.67 -5.14 6.16
C TYR B 326 -27.14 -5.83 4.87
N LEU B 327 -26.94 -7.14 4.81
CA LEU B 327 -27.30 -7.91 3.62
C LEU B 327 -28.76 -8.34 3.52
N LEU B 328 -29.42 -8.50 4.66
CA LEU B 328 -30.83 -8.90 4.66
C LEU B 328 -31.70 -8.06 3.73
N PRO B 329 -31.67 -6.73 3.89
CA PRO B 329 -32.47 -5.83 3.05
C PRO B 329 -32.13 -6.02 1.58
N LEU B 330 -30.84 -6.22 1.31
CA LEU B 330 -30.33 -6.40 -0.03
C LEU B 330 -30.75 -7.72 -0.67
N THR B 331 -30.60 -8.83 0.06
CA THR B 331 -30.97 -10.13 -0.50
C THR B 331 -32.47 -10.17 -0.74
N ALA B 332 -33.23 -9.59 0.17
CA ALA B 332 -34.69 -9.53 0.05
C ALA B 332 -35.06 -8.71 -1.19
N LEU B 333 -34.29 -7.68 -1.49
CA LEU B 333 -34.56 -6.87 -2.67
C LEU B 333 -34.21 -7.62 -3.94
N TYR B 334 -33.03 -8.23 -4.00
CA TYR B 334 -32.64 -8.96 -5.21
C TYR B 334 -33.62 -10.08 -5.55
N ARG B 335 -34.13 -10.76 -4.53
CA ARG B 335 -35.08 -11.85 -4.74
C ARG B 335 -36.50 -11.37 -5.05
N ALA B 336 -36.80 -10.11 -4.74
CA ALA B 336 -38.13 -9.59 -5.01
C ALA B 336 -38.27 -9.10 -6.45
N LEU B 337 -37.15 -8.75 -7.09
CA LEU B 337 -37.21 -8.26 -8.47
C LEU B 337 -38.00 -9.24 -9.36
N ASP B 338 -38.85 -8.69 -10.22
CA ASP B 338 -39.68 -9.51 -11.11
C ASP B 338 -39.19 -9.61 -12.54
N GLY B 339 -38.94 -8.47 -13.18
CA GLY B 339 -38.49 -8.50 -14.57
C GLY B 339 -37.33 -9.41 -14.91
N PRO B 340 -36.67 -9.16 -16.05
CA PRO B 340 -35.53 -9.95 -16.50
C PRO B 340 -34.31 -9.72 -15.60
N GLU B 341 -33.24 -10.45 -15.85
CA GLU B 341 -32.01 -10.32 -15.06
C GLU B 341 -31.35 -8.98 -15.35
N ARG B 342 -31.07 -8.24 -14.29
CA ARG B 342 -30.49 -6.91 -14.46
C ARG B 342 -29.04 -6.72 -14.05
N ARG B 343 -28.45 -5.65 -14.60
CA ARG B 343 -27.10 -5.25 -14.22
C ARG B 343 -27.43 -4.17 -13.17
N ILE B 344 -27.07 -4.43 -11.93
CA ILE B 344 -27.37 -3.52 -10.81
C ILE B 344 -26.12 -2.84 -10.22
N LEU B 345 -26.22 -1.54 -9.95
CA LEU B 345 -25.13 -0.77 -9.34
C LEU B 345 -25.63 -0.28 -7.98
N THR B 346 -24.77 -0.25 -6.97
CA THR B 346 -25.20 0.18 -5.64
C THR B 346 -24.26 1.21 -5.05
N GLY B 347 -24.68 1.80 -3.94
CA GLY B 347 -23.87 2.78 -3.25
C GLY B 347 -23.21 2.16 -2.04
N TYR B 348 -23.11 0.83 -2.05
CA TYR B 348 -22.50 0.13 -0.91
C TYR B 348 -21.00 0.39 -0.75
N GLY B 349 -20.55 0.45 0.50
CA GLY B 349 -19.14 0.64 0.78
C GLY B 349 -18.60 2.05 0.97
N ALA B 350 -19.30 3.06 0.47
CA ALA B 350 -18.81 4.44 0.60
C ALA B 350 -18.50 4.82 2.03
N ASP B 351 -19.27 4.30 2.97
CA ASP B 351 -19.05 4.64 4.36
C ASP B 351 -17.71 4.19 4.94
N ILE B 352 -17.14 3.12 4.39
CA ILE B 352 -15.88 2.59 4.89
C ILE B 352 -14.65 3.48 4.68
N PRO B 353 -14.27 3.75 3.41
CA PRO B 353 -13.09 4.61 3.21
C PRO B 353 -13.37 6.00 3.76
N LEU B 354 -14.65 6.37 3.81
CA LEU B 354 -15.01 7.66 4.34
C LEU B 354 -15.44 7.49 5.80
N GLY B 355 -15.91 8.56 6.43
CA GLY B 355 -16.32 8.45 7.82
C GLY B 355 -17.45 7.47 8.11
N GLY B 356 -18.47 7.44 7.25
CA GLY B 356 -19.59 6.55 7.47
C GLY B 356 -20.28 6.82 8.80
N MET B 357 -19.96 6.00 9.80
CA MET B 357 -20.53 6.15 11.13
C MET B 357 -19.48 6.72 12.09
N HIS B 358 -19.17 8.01 11.94
CA HIS B 358 -18.24 8.62 12.85
C HIS B 358 -18.93 9.34 14.02
N ARG B 359 -19.79 10.26 13.67
CA ARG B 359 -20.57 11.20 14.42
C ARG B 359 -19.84 12.18 15.27
N GLU B 360 -18.80 12.89 14.73
CA GLU B 360 -17.95 13.75 15.54
C GLU B 360 -16.95 14.58 14.79
N ASP B 361 -16.76 15.83 15.28
CA ASP B 361 -15.81 16.79 14.70
C ASP B 361 -14.36 16.40 14.93
N ARG B 362 -14.12 15.65 16.01
CA ARG B 362 -12.77 15.21 16.34
C ARG B 362 -12.32 14.22 15.27
N LEU B 363 -11.27 14.60 14.55
CA LEU B 363 -10.74 13.79 13.46
C LEU B 363 -9.95 12.53 13.79
N PRO B 364 -9.17 12.54 14.89
CA PRO B 364 -8.39 11.34 15.23
C PRO B 364 -9.13 9.99 15.15
N ALA B 365 -10.21 9.86 15.92
CA ALA B 365 -10.99 8.62 15.93
C ALA B 365 -11.41 8.19 14.52
N LEU B 366 -11.72 9.17 13.68
CA LEU B 366 -12.13 8.88 12.31
C LEU B 366 -11.04 8.10 11.57
N ASP B 367 -9.80 8.59 11.57
CA ASP B 367 -8.75 7.85 10.87
C ASP B 367 -8.49 6.48 11.53
N THR B 368 -8.61 6.41 12.85
CA THR B 368 -8.36 5.15 13.56
C THR B 368 -9.31 4.05 13.11
N VAL B 369 -10.61 4.33 13.14
CA VAL B 369 -11.58 3.34 12.72
C VAL B 369 -11.39 3.04 11.24
N LEU B 370 -11.20 4.08 10.44
CA LEU B 370 -10.98 3.92 9.00
C LEU B 370 -9.82 2.96 8.74
N ALA B 371 -8.67 3.22 9.35
CA ALA B 371 -7.53 2.36 9.14
C ALA B 371 -7.84 0.94 9.60
N HIS B 372 -8.62 0.81 10.67
CA HIS B 372 -8.99 -0.51 11.18
C HIS B 372 -9.90 -1.27 10.21
N ASP B 373 -10.89 -0.56 9.66
CA ASP B 373 -11.83 -1.16 8.72
C ASP B 373 -11.18 -1.62 7.44
N MET B 374 -10.29 -0.79 6.90
CA MET B 374 -9.62 -1.14 5.67
C MET B 374 -8.67 -2.32 5.85
N ALA B 375 -8.34 -2.64 7.10
CA ALA B 375 -7.45 -3.76 7.36
C ALA B 375 -8.23 -4.98 7.81
N THR B 376 -9.55 -4.87 7.89
CA THR B 376 -10.34 -6.00 8.35
C THR B 376 -11.55 -6.39 7.49
N PHE B 377 -11.68 -5.80 6.31
CA PHE B 377 -12.82 -6.12 5.43
C PHE B 377 -12.69 -7.48 4.76
N ASP B 378 -11.45 -7.93 4.59
CA ASP B 378 -11.23 -9.20 3.91
C ASP B 378 -11.74 -10.40 4.68
N GLY B 379 -12.68 -11.11 4.08
CA GLY B 379 -13.26 -12.29 4.73
C GLY B 379 -14.71 -12.04 5.09
N LEU B 380 -15.14 -10.78 4.99
CA LEU B 380 -16.53 -10.41 5.29
C LEU B 380 -17.45 -10.75 4.12
N ASN B 381 -16.91 -10.81 2.91
CA ASN B 381 -17.72 -11.14 1.72
C ASN B 381 -18.98 -10.28 1.62
N GLU B 382 -18.95 -9.10 2.21
CA GLU B 382 -20.13 -8.24 2.20
C GLU B 382 -20.57 -7.74 0.83
N MET B 383 -19.65 -7.73 -0.13
CA MET B 383 -19.97 -7.27 -1.48
C MET B 383 -19.91 -8.37 -2.53
N SER B 384 -20.04 -9.62 -2.09
CA SER B 384 -20.02 -10.74 -3.03
C SER B 384 -21.19 -10.62 -3.99
N PRO B 385 -20.98 -11.05 -5.25
CA PRO B 385 -22.05 -10.99 -6.25
C PRO B 385 -23.15 -12.02 -5.98
N VAL B 386 -22.77 -13.11 -5.30
CA VAL B 386 -23.71 -14.19 -5.01
C VAL B 386 -24.98 -13.67 -4.33
N LEU B 387 -24.86 -12.55 -3.61
CA LEU B 387 -26.01 -11.95 -2.91
C LEU B 387 -27.11 -11.60 -3.91
N SER B 388 -26.73 -11.25 -5.14
CA SER B 388 -27.70 -10.90 -6.17
C SER B 388 -27.85 -12.02 -7.22
N THR B 389 -26.73 -12.66 -7.58
CA THR B 389 -26.77 -13.73 -8.59
C THR B 389 -27.61 -14.92 -8.14
N LEU B 390 -27.84 -15.05 -6.84
CA LEU B 390 -28.67 -16.15 -6.35
C LEU B 390 -30.07 -15.99 -6.94
N ALA B 391 -30.35 -14.78 -7.42
CA ALA B 391 -31.63 -14.43 -8.05
C ALA B 391 -31.42 -14.14 -9.54
N GLY B 392 -30.20 -14.39 -10.00
CA GLY B 392 -29.86 -14.18 -11.40
C GLY B 392 -29.43 -12.77 -11.78
N HIS B 393 -29.35 -11.88 -10.79
CA HIS B 393 -28.94 -10.51 -11.06
C HIS B 393 -27.47 -10.26 -10.76
N TRP B 394 -26.82 -9.48 -11.60
CA TRP B 394 -25.41 -9.14 -11.37
C TRP B 394 -25.34 -7.82 -10.60
N THR B 395 -24.41 -7.74 -9.64
CA THR B 395 -24.19 -6.50 -8.86
C THR B 395 -22.75 -6.03 -8.90
N THR B 396 -22.59 -4.70 -8.91
CA THR B 396 -21.26 -4.09 -8.91
C THR B 396 -21.35 -2.81 -8.06
N HIS B 397 -20.27 -2.51 -7.32
CA HIS B 397 -20.22 -1.39 -6.39
C HIS B 397 -19.12 -0.38 -6.71
N PRO B 398 -19.46 0.69 -7.45
CA PRO B 398 -18.47 1.71 -7.82
C PRO B 398 -17.61 2.34 -6.73
N TYR B 399 -18.13 2.51 -5.51
CA TYR B 399 -17.33 3.12 -4.47
C TYR B 399 -16.10 2.28 -4.10
N TRP B 400 -16.17 0.98 -4.33
CA TRP B 400 -15.04 0.11 -4.04
C TRP B 400 -14.24 -0.22 -5.30
N ASP B 401 -14.40 0.64 -6.30
CA ASP B 401 -13.67 0.54 -7.54
C ASP B 401 -12.25 0.87 -7.05
N ARG B 402 -11.23 0.28 -7.66
CA ARG B 402 -9.85 0.50 -7.20
C ARG B 402 -9.40 1.96 -7.23
N GLU B 403 -9.78 2.70 -8.27
CA GLU B 403 -9.36 4.10 -8.36
C GLU B 403 -10.13 4.94 -7.35
N VAL B 404 -11.43 4.72 -7.25
CA VAL B 404 -12.26 5.49 -6.31
C VAL B 404 -11.82 5.18 -4.88
N LEU B 405 -11.69 3.90 -4.56
CA LEU B 405 -11.29 3.48 -3.24
C LEU B 405 -9.97 4.12 -2.81
N ASP B 406 -8.94 4.02 -3.65
CA ASP B 406 -7.63 4.60 -3.35
C ASP B 406 -7.74 6.10 -3.07
N LEU B 407 -8.48 6.81 -3.90
CA LEU B 407 -8.63 8.24 -3.71
C LEU B 407 -9.30 8.60 -2.38
N LEU B 408 -10.41 7.93 -2.07
CA LEU B 408 -11.10 8.21 -0.83
C LEU B 408 -10.26 7.89 0.41
N VAL B 409 -9.59 6.75 0.38
CA VAL B 409 -8.73 6.38 1.51
C VAL B 409 -7.63 7.43 1.70
N SER B 410 -7.02 7.86 0.60
CA SER B 410 -5.93 8.84 0.63
C SER B 410 -6.26 10.24 1.14
N LEU B 411 -7.55 10.61 1.12
CA LEU B 411 -7.92 11.95 1.55
C LEU B 411 -7.75 12.15 3.06
N GLU B 412 -7.30 13.35 3.43
CA GLU B 412 -7.09 13.71 4.83
C GLU B 412 -8.44 13.69 5.53
N ALA B 413 -8.44 13.26 6.79
CA ALA B 413 -9.66 13.15 7.57
C ALA B 413 -10.52 14.41 7.58
N GLY B 414 -9.89 15.57 7.48
CA GLY B 414 -10.63 16.83 7.52
C GLY B 414 -11.52 17.03 6.31
N LEU B 415 -11.31 16.24 5.27
CA LEU B 415 -12.10 16.34 4.06
C LEU B 415 -13.30 15.39 4.17
N LYS B 416 -13.20 14.42 5.10
CA LYS B 416 -14.26 13.44 5.30
C LYS B 416 -15.27 13.89 6.35
N ARG B 417 -14.78 14.58 7.38
CA ARG B 417 -15.61 15.08 8.46
C ARG B 417 -15.45 16.59 8.51
N ARG B 418 -16.45 17.32 8.02
CA ARG B 418 -16.37 18.77 8.00
C ARG B 418 -17.74 19.42 8.09
N HIS B 419 -17.82 20.56 8.77
CA HIS B 419 -19.07 21.29 8.94
C HIS B 419 -20.12 20.46 9.65
N GLY B 420 -19.68 19.53 10.48
CA GLY B 420 -20.61 18.68 11.20
C GLY B 420 -21.31 17.68 10.29
N ARG B 421 -20.85 17.55 9.06
CA ARG B 421 -21.45 16.61 8.12
C ARG B 421 -20.46 15.51 7.77
N ASP B 422 -20.95 14.28 7.80
CA ASP B 422 -20.13 13.11 7.48
C ASP B 422 -19.90 13.07 5.98
N LYS B 423 -18.87 12.36 5.57
CA LYS B 423 -18.57 12.20 4.15
C LYS B 423 -18.76 13.51 3.38
N TRP B 424 -18.35 14.63 3.99
CA TRP B 424 -18.51 15.93 3.36
C TRP B 424 -17.99 15.94 1.93
N VAL B 425 -16.78 15.45 1.72
CA VAL B 425 -16.20 15.46 0.39
C VAL B 425 -17.10 14.81 -0.68
N LEU B 426 -17.88 13.82 -0.29
CA LEU B 426 -18.79 13.13 -1.21
C LEU B 426 -20.04 14.00 -1.49
N ARG B 427 -20.57 14.60 -0.43
CA ARG B 427 -21.74 15.45 -0.60
C ARG B 427 -21.35 16.63 -1.48
N ALA B 428 -20.16 17.16 -1.27
CA ALA B 428 -19.66 18.29 -2.04
C ALA B 428 -19.48 17.94 -3.51
N ALA B 429 -18.92 16.77 -3.77
CA ALA B 429 -18.68 16.33 -5.13
C ALA B 429 -19.96 16.15 -5.94
N MET B 430 -21.08 15.89 -5.26
CA MET B 430 -22.36 15.67 -5.95
C MET B 430 -23.36 16.81 -5.76
N ALA B 431 -22.96 17.81 -5.00
CA ALA B 431 -23.82 18.96 -4.69
C ALA B 431 -24.51 19.65 -5.86
N ASP B 432 -24.01 19.49 -7.07
CA ASP B 432 -24.59 20.14 -8.25
C ASP B 432 -25.40 19.21 -9.16
N ALA B 433 -25.56 17.95 -8.74
CA ALA B 433 -26.31 16.97 -9.53
C ALA B 433 -27.48 16.39 -8.76
N LEU B 434 -27.72 16.88 -7.55
CA LEU B 434 -28.81 16.35 -6.73
C LEU B 434 -29.46 17.46 -5.93
N PRO B 435 -30.70 17.25 -5.47
CA PRO B 435 -31.37 18.29 -4.70
C PRO B 435 -30.68 18.54 -3.35
N ALA B 436 -30.64 19.79 -2.91
CA ALA B 436 -29.98 20.14 -1.65
C ALA B 436 -30.39 19.20 -0.51
N GLU B 437 -31.66 18.83 -0.49
CA GLU B 437 -32.23 17.94 0.51
C GLU B 437 -31.48 16.61 0.60
N THR B 438 -31.05 16.11 -0.56
CA THR B 438 -30.34 14.86 -0.60
C THR B 438 -28.87 15.00 -0.21
N VAL B 439 -28.23 16.03 -0.72
CA VAL B 439 -26.81 16.24 -0.42
C VAL B 439 -26.56 16.63 1.04
N ASN B 440 -27.57 17.23 1.68
CA ASN B 440 -27.45 17.68 3.07
C ASN B 440 -28.01 16.69 4.08
N ARG B 441 -28.78 15.72 3.62
CA ARG B 441 -29.37 14.72 4.49
C ARG B 441 -28.30 13.91 5.22
N PRO B 442 -28.30 13.95 6.56
CA PRO B 442 -27.31 13.21 7.33
C PRO B 442 -27.45 11.71 7.11
N LYS B 443 -26.35 10.99 7.24
CA LYS B 443 -26.32 9.54 7.05
C LYS B 443 -27.27 8.88 8.03
N LEU B 444 -27.17 9.25 9.31
CA LEU B 444 -28.04 8.68 10.33
C LEU B 444 -29.09 9.71 10.76
N THR B 453 -32.35 0.19 17.02
CA THR B 453 -32.54 -1.29 17.02
C THR B 453 -32.91 -1.82 15.65
N SER B 454 -32.13 -2.78 15.15
CA SER B 454 -32.39 -3.37 13.84
C SER B 454 -33.42 -4.47 13.98
N SER B 455 -33.92 -4.95 12.84
CA SER B 455 -34.90 -6.02 12.79
C SER B 455 -34.32 -7.27 13.42
N PHE B 456 -33.07 -7.56 13.09
CA PHE B 456 -32.41 -8.74 13.61
C PHE B 456 -32.30 -8.64 15.14
N SER B 457 -32.04 -7.44 15.65
CA SER B 457 -31.93 -7.21 17.09
C SER B 457 -33.33 -7.26 17.72
N ARG B 458 -34.29 -6.66 17.03
CA ARG B 458 -35.69 -6.66 17.49
C ARG B 458 -36.12 -8.11 17.65
N LEU B 459 -35.88 -8.91 16.63
CA LEU B 459 -36.25 -10.32 16.62
C LEU B 459 -35.84 -11.06 17.88
N LEU B 460 -34.58 -10.92 18.28
CA LEU B 460 -34.10 -11.61 19.47
C LEU B 460 -34.64 -10.92 20.71
N LEU B 461 -34.81 -9.60 20.61
CA LEU B 461 -35.34 -8.83 21.72
C LEU B 461 -36.81 -9.21 21.94
N ASP B 462 -37.50 -9.57 20.86
CA ASP B 462 -38.91 -9.98 20.95
C ASP B 462 -38.96 -11.43 21.42
N HIS B 463 -37.80 -12.06 21.52
CA HIS B 463 -37.73 -13.43 21.98
C HIS B 463 -37.40 -13.45 23.46
N GLY B 464 -37.34 -12.26 24.05
CA GLY B 464 -37.04 -12.16 25.47
C GLY B 464 -35.57 -12.26 25.80
N VAL B 465 -34.70 -11.98 24.82
CA VAL B 465 -33.25 -12.04 25.04
C VAL B 465 -32.73 -10.74 25.65
N ALA B 466 -31.87 -10.86 26.66
CA ALA B 466 -31.30 -9.69 27.32
C ALA B 466 -30.55 -8.82 26.33
N GLU B 467 -30.72 -7.50 26.44
CA GLU B 467 -30.08 -6.56 25.53
C GLU B 467 -28.56 -6.72 25.50
N ASP B 468 -27.97 -7.06 26.64
CA ASP B 468 -26.53 -7.22 26.73
C ASP B 468 -26.04 -8.51 26.07
N ARG B 469 -26.95 -9.43 25.79
CA ARG B 469 -26.57 -10.70 25.16
C ARG B 469 -27.16 -10.88 23.77
N VAL B 470 -27.77 -9.82 23.24
CA VAL B 470 -28.36 -9.88 21.91
C VAL B 470 -27.32 -10.12 20.83
N HIS B 471 -26.25 -9.33 20.85
CA HIS B 471 -25.21 -9.48 19.84
C HIS B 471 -24.66 -10.90 19.78
N GLU B 472 -24.31 -11.46 20.93
CA GLU B 472 -23.78 -12.81 20.96
C GLU B 472 -24.82 -13.81 20.48
N ALA B 473 -26.08 -13.54 20.79
CA ALA B 473 -27.18 -14.41 20.39
C ALA B 473 -27.33 -14.39 18.87
N LYS B 474 -27.11 -13.22 18.28
CA LYS B 474 -27.20 -13.05 16.84
C LYS B 474 -26.04 -13.78 16.18
N ARG B 475 -24.86 -13.70 16.80
CA ARG B 475 -23.68 -14.36 16.27
C ARG B 475 -23.91 -15.87 16.25
N GLN B 476 -24.57 -16.39 17.28
CA GLN B 476 -24.86 -17.82 17.34
C GLN B 476 -25.84 -18.24 16.25
N VAL B 477 -26.84 -17.40 16.00
CA VAL B 477 -27.86 -17.70 14.98
C VAL B 477 -27.20 -17.89 13.62
N VAL B 478 -26.44 -16.88 13.21
CA VAL B 478 -25.75 -16.90 11.93
C VAL B 478 -24.82 -18.11 11.86
N ARG B 479 -24.09 -18.35 12.95
CA ARG B 479 -23.18 -19.48 13.02
C ARG B 479 -23.94 -20.77 12.69
N GLU B 480 -25.05 -20.98 13.37
CA GLU B 480 -25.86 -22.17 13.14
C GLU B 480 -26.42 -22.27 11.73
N LEU B 481 -26.85 -21.14 11.17
CA LEU B 481 -27.41 -21.10 9.82
C LEU B 481 -26.33 -21.46 8.80
N PHE B 482 -25.10 -21.09 9.12
CA PHE B 482 -23.95 -21.37 8.28
C PHE B 482 -23.70 -22.88 8.29
N ASP B 483 -23.66 -23.48 9.47
CA ASP B 483 -23.41 -24.92 9.57
C ASP B 483 -24.47 -25.75 8.85
N LEU B 484 -25.67 -25.19 8.72
CA LEU B 484 -26.76 -25.88 8.05
C LEU B 484 -26.73 -25.72 6.53
N THR B 485 -26.58 -24.49 6.05
CA THR B 485 -26.59 -24.21 4.62
C THR B 485 -25.26 -24.39 3.89
N VAL B 486 -24.20 -23.80 4.43
CA VAL B 486 -22.90 -23.90 3.78
C VAL B 486 -22.17 -25.21 4.13
N GLY B 487 -22.17 -25.57 5.40
CA GLY B 487 -21.52 -26.79 5.81
C GLY B 487 -22.42 -28.03 5.78
N GLY B 488 -23.73 -27.84 5.92
CA GLY B 488 -24.64 -28.97 5.93
C GLY B 488 -25.19 -29.40 4.59
N GLY B 489 -24.98 -28.58 3.57
CA GLY B 489 -25.47 -28.92 2.24
C GLY B 489 -26.96 -28.74 2.07
N ARG B 490 -27.61 -28.09 3.04
CA ARG B 490 -29.05 -27.85 2.97
C ARG B 490 -29.39 -26.49 2.37
N HIS B 491 -30.49 -26.42 1.63
CA HIS B 491 -30.92 -25.19 1.00
C HIS B 491 -31.65 -24.32 2.04
N PRO B 492 -31.53 -22.99 1.92
CA PRO B 492 -32.15 -22.04 2.84
C PRO B 492 -33.66 -22.23 3.04
N SER B 493 -34.36 -22.56 1.96
CA SER B 493 -35.80 -22.75 2.01
C SER B 493 -36.23 -23.87 2.97
N GLU B 494 -35.34 -24.81 3.25
CA GLU B 494 -35.70 -25.90 4.14
C GLU B 494 -35.13 -25.70 5.53
N VAL B 495 -34.85 -24.45 5.86
CA VAL B 495 -34.30 -24.10 7.16
C VAL B 495 -35.34 -23.42 8.04
N ASP B 496 -35.60 -24.01 9.21
CA ASP B 496 -36.58 -23.47 10.15
C ASP B 496 -35.90 -22.37 10.96
N THR B 497 -35.97 -21.15 10.45
CA THR B 497 -35.35 -20.01 11.11
C THR B 497 -35.93 -19.76 12.50
N ASP B 498 -37.24 -19.95 12.65
CA ASP B 498 -37.88 -19.73 13.95
C ASP B 498 -37.31 -20.72 14.95
N ASP B 499 -37.23 -21.99 14.53
CA ASP B 499 -36.70 -23.04 15.37
C ASP B 499 -35.27 -22.69 15.82
N VAL B 500 -34.43 -22.30 14.86
CA VAL B 500 -33.05 -21.95 15.15
C VAL B 500 -32.95 -20.79 16.13
N VAL B 501 -33.66 -19.70 15.84
CA VAL B 501 -33.63 -18.53 16.70
C VAL B 501 -34.15 -18.82 18.11
N ARG B 502 -35.25 -19.56 18.20
CA ARG B 502 -35.80 -19.89 19.51
C ARG B 502 -34.79 -20.74 20.27
N SER B 503 -34.10 -21.63 19.55
CA SER B 503 -33.11 -22.51 20.14
C SER B 503 -31.98 -21.69 20.76
N VAL B 504 -31.44 -20.75 20.01
CA VAL B 504 -30.37 -19.93 20.54
C VAL B 504 -30.86 -19.11 21.72
N ALA B 505 -32.10 -18.62 21.62
CA ALA B 505 -32.69 -17.83 22.70
C ALA B 505 -32.69 -18.64 23.98
N ASP B 506 -33.24 -19.86 23.92
CA ASP B 506 -33.29 -20.74 25.07
C ASP B 506 -31.94 -20.89 25.74
N ARG B 507 -30.92 -21.23 24.93
CA ARG B 507 -29.58 -21.41 25.45
C ARG B 507 -29.04 -20.16 26.11
N THR B 508 -29.52 -18.99 25.69
CA THR B 508 -29.06 -17.73 26.26
C THR B 508 -29.62 -17.50 27.65
MG MG C . 21.24 5.45 -9.66
MG MG D . 25.87 5.50 -11.37
P1 POP E . 22.69 5.50 -12.72
O1 POP E . 21.76 5.51 -13.91
O2 POP E . 24.08 5.10 -13.06
O3 POP E . 22.03 4.63 -11.63
O POP E . 22.73 7.05 -12.18
P2 POP E . 23.48 7.82 -11.03
O4 POP E . 23.47 9.19 -11.47
O5 POP E . 22.77 7.63 -9.74
O6 POP E . 24.89 7.25 -11.03
P AMP F . 23.88 4.82 -8.20
O1P AMP F . 22.58 4.41 -8.75
O2P AMP F . 24.79 5.41 -9.24
O3P AMP F . 24.58 3.70 -7.44
O5' AMP F . 23.51 6.01 -7.11
C5' AMP F . 24.61 6.63 -6.39
C4' AMP F . 24.29 8.14 -6.22
O4' AMP F . 25.44 8.75 -5.50
C3' AMP F . 24.12 8.95 -7.68
O3' AMP F . 22.65 9.17 -7.87
C2' AMP F . 24.98 10.27 -7.38
O2' AMP F . 24.20 11.32 -6.84
C1' AMP F . 26.06 9.82 -6.28
N9 AMP F . 27.33 9.32 -6.93
C8 AMP F . 27.57 8.08 -7.56
N7 AMP F . 28.79 7.87 -8.08
C5 AMP F . 29.38 9.08 -7.74
C6 AMP F . 30.70 9.55 -7.97
N6 AMP F . 31.58 8.74 -8.65
N1 AMP F . 30.98 10.84 -7.51
C2 AMP F . 30.08 11.61 -6.86
N3 AMP F . 28.79 11.23 -6.58
C4 AMP F . 28.52 9.98 -7.04
N1 PCX G . 22.15 1.92 -5.90
C1 PCX G . 21.16 1.72 -5.76
C2 PCX G . 21.30 1.36 -4.26
C4 PCX G . 21.03 -0.11 -3.96
C5 PCX G . 19.99 -0.30 -2.91
N2 PCX G . 19.29 -1.57 -3.03
C6 PCX G . 18.32 -1.99 -2.21
N3 PCX G . 17.90 -1.25 -1.17
N4 PCX G . 17.77 -3.19 -2.43
C3 PCX G . 20.36 3.04 -5.89
O1 PCX G . 19.05 2.81 -5.72
O2 PCX G . 21.00 4.08 -6.11
C8 PCX G . 22.74 1.54 -7.12
C9 PCX G . 24.03 1.89 -6.66
O4 PCX G . 22.43 1.13 -8.12
C7 PCX G . 23.44 2.23 -5.42
MG MG H . -28.78 4.75 4.03
MG MG I . -24.05 4.41 2.75
N1 PCX J . -22.91 0.30 5.57
C1 PCX J . -21.77 0.36 5.25
C2 PCX J . -21.25 -1.10 5.34
C4 PCX J . -20.54 -1.44 6.65
C5 PCX J . -19.37 -2.35 6.41
N2 PCX J . -18.29 -2.13 7.36
C6 PCX J . -17.14 -2.80 7.39
N3 PCX J . -16.87 -3.77 6.51
N4 PCX J . -16.25 -2.48 8.31
C3 PCX J . -21.42 0.90 3.84
O1 PCX J . -20.14 1.27 3.77
O2 PCX J . -22.33 0.92 2.99
C8 PCX J . -23.27 1.41 6.40
C9 PCX J . -24.55 0.89 6.62
O4 PCX J . -22.87 2.49 6.91
C7 PCX J . -24.18 -0.23 5.82
P AMP K . -25.77 1.47 3.24
O1P AMP K . -24.62 2.35 3.52
O2P AMP K . -27.02 2.23 2.86
O3P AMP K . -26.06 0.48 4.38
O5' AMP K . -25.30 0.58 1.95
C5' AMP K . -26.24 -0.40 1.40
C4' AMP K . -26.42 -0.02 -0.09
O4' AMP K . -27.40 -0.96 -0.67
C3' AMP K . -27.01 1.54 -0.30
O3' AMP K . -25.83 2.35 -0.77
C2' AMP K . -28.14 1.27 -1.40
O2' AMP K . -27.70 1.48 -2.74
C1' AMP K . -28.55 -0.28 -1.24
N9 AMP K . -29.75 -0.45 -0.32
C8 AMP K . -29.79 -0.90 1.02
N7 AMP K . -30.99 -0.97 1.62
C5 AMP K . -31.80 -0.52 0.57
C6 AMP K . -33.21 -0.34 0.49
N6 AMP K . -33.98 -0.62 1.60
N1 AMP K . -33.70 0.14 -0.73
C2 AMP K . -32.90 0.42 -1.79
N3 AMP K . -31.55 0.27 -1.81
C4 AMP K . -31.07 -0.20 -0.62
P1 POP L . -26.75 5.20 1.22
O1 POP L . -26.98 5.64 -0.23
O2 POP L . -25.62 4.23 1.37
O3 POP L . -28.06 4.62 1.78
O POP L . -26.38 6.55 2.06
P2 POP L . -26.04 6.75 3.56
O4 POP L . -25.45 8.08 3.69
O5 POP L . -27.33 6.61 4.32
O6 POP L . -25.06 5.65 3.90
#